data_7WF7
#
_entry.id   7WF7
#
loop_
_entity.id
_entity.type
_entity.pdbx_description
1 polymer 'Sphingosine 1-phosphate receptor 1'
2 polymer 'Guanine nucleotide-binding protein G(i) subunit alpha-1'
3 polymer 'Guanine nucleotide-binding protein G(I)/G(S)/G(T) subunit beta-1'
4 polymer 'Guanine nucleotide-binding protein G(I)/G(S)/G(O) subunit gamma-2'
5 polymer scFv16
6 non-polymer '(2S,3R,4E)-2-amino-3-hydroxyoctadec-4-en-1-yl dihydrogen phosphate'
#
loop_
_entity_poly.entity_id
_entity_poly.type
_entity_poly.pdbx_seq_one_letter_code
_entity_poly.pdbx_strand_id
1 'polypeptide(L)'
;MGPTSVPLVKAHRSSVSDYVNYDIIVRHYNYTGKLNISADKENSIKLTSVVFILICCFIILENIFVLLTIWKTKKFHRPM
YYFIGNLALSDLLAGVAYTANLLLSGATTYKLTPAQWFLREGSMFVALSASVWSLLAIAIERYITMLKMKLHNGSNNFRL
FLLISACWVISLILGGLPIMGWNCISALSSCSTVLPLYHKHYILFCTTVFTLLLLSIVILYCRIYSLVRTRSRRLTFRKN
ISKASRSSEKSLALLKTVIIVLSVFIACWAPLFILLLLDVGCKVKTCDILFRAEYFLVLAVLNSGTNPIIYTLTNKEMRR
AFIRIMSCCKCPSGDSAGKFKRPIIAGMEFSRSKSDNSSHPQKDEGDNPETIMSSGNVNSSS
;
A
2 'polypeptide(L)'
;MGCTLSAEDKAAVERSKMIDRNLREDGEKAAREVKLLLLGAGESGKSTIVKQMKIIHEAGYSEEECKQYKAVVYSNTIQS
IIAIIRAMGRLKIDFGDSARADDARQLFVLAGAAEEGFMTAELAGVIKRLWKDSGVQACFNRSREYQLNDSAAYYLNDLD
RIAQPNYIPTQQDVLRTRVKTTGIVETHFTFKDLHFKMFDVGAQRSERKKWIHCFEGVTAIIFCVALSDYDLVLAEDEEM
NRMHESMKLFDSICNNKWFTDTSIILFLNKKDLFEEKIKKSPLTICYPEYAGSNTYEEAAAYIQCQFEDLNKRKDTKEIY
THFTCSTDTKNVQFVFDAVTDVIIKNNLKDCGLF
;
B
3 'polypeptide(L)'
;MGSLLQSELDQLRQEAEQLKNQIRDARKACADATLSQITNNIDPVGRIQMRTRRTLRGHLAKIYAMHWGTDSRLLVSASQ
DGKLIIWDSYTTNKVHAIPLRSSWVMTCAYAPSGNYVACGGLDNICSIYNLKTREGNVRVSRELAGHTGYLSCCRFLDDN
QIVTSSGDTTCALWDIETGQQTTTFTGHTGDVMSLSLAPDTRLFVSGACDASAKLWDVREGMCRQTFTGHESDINAICFF
PNGNAFATGSDDATCRLFDLRADQELMTYSHDNIICGITSVSFSKSGRLLLAGYDDFNCNVWDALKADRAGVLAGHDNRV
SCLGVTDDGMAVATGSWDSFLKIWN
;
C
4 'polypeptide(L)' MASNNTASIAQARKLVEQLKMEANIDRIKVSKAAADLMAYCEAHAKEDPLLTPVPASENPFREKKFFCAIL D
5 'polypeptide(L)'
;VQLVESGGGLVQPGGSRKLSCSASGFAFSSFGMHWVRQAPEKGLEWVAYISSGSGTIYYADTVKGRFTISRDDPKNTLFL
QMTSLRSEDTAMYYCVRSIYYYGSSPFDFWGQGTTLTVSAGGGGSGGGGSGGGGSSDIVMTQATSSVPVTPGESVSISCR
SSKSLLHSNGNTYLYWFLQRPGQSPQLLIYRMSNLASGVPDRFSGSGSGTAFTLTISRLEAEDVGVYYCMQHLEYPLTFG
AGTKLEL
;
E
#
loop_
_chem_comp.id
_chem_comp.type
_chem_comp.name
_chem_comp.formula
S1P non-polymer '(2S,3R,4E)-2-amino-3-hydroxyoctadec-4-en-1-yl dihydrogen phosphate' 'C18 H38 N O5 P'
#
# COMPACT_ATOMS: atom_id res chain seq x y z
N ASP A 23 -29.83 -50.40 -21.48
CA ASP A 23 -30.65 -51.12 -22.44
C ASP A 23 -31.53 -50.16 -23.23
N ILE A 24 -31.77 -48.98 -22.65
CA ILE A 24 -32.61 -47.98 -23.32
C ILE A 24 -31.95 -47.41 -24.55
N ILE A 25 -30.62 -47.50 -24.65
CA ILE A 25 -29.91 -46.89 -25.78
C ILE A 25 -30.37 -47.50 -27.10
N VAL A 26 -30.24 -48.82 -27.24
CA VAL A 26 -30.54 -49.48 -28.50
C VAL A 26 -32.01 -49.36 -28.84
N ARG A 27 -32.89 -49.57 -27.86
CA ARG A 27 -34.32 -49.52 -28.12
C ARG A 27 -34.75 -48.13 -28.56
N HIS A 28 -34.22 -47.07 -27.92
CA HIS A 28 -34.62 -45.72 -28.30
C HIS A 28 -34.00 -45.30 -29.62
N TYR A 29 -32.77 -45.76 -29.91
CA TYR A 29 -32.16 -45.44 -31.19
C TYR A 29 -32.90 -46.11 -32.35
N ASN A 30 -33.38 -47.34 -32.14
CA ASN A 30 -34.23 -47.96 -33.15
C ASN A 30 -35.60 -47.28 -33.22
N TYR A 31 -36.12 -46.82 -32.07
CA TYR A 31 -37.37 -46.08 -32.06
C TYR A 31 -37.26 -44.79 -32.86
N THR A 32 -36.06 -44.21 -32.91
CA THR A 32 -35.81 -43.03 -33.73
C THR A 32 -35.19 -43.35 -35.07
N GLY A 33 -34.70 -44.59 -35.26
CA GLY A 33 -34.11 -44.99 -36.51
C GLY A 33 -32.69 -44.52 -36.72
N LYS A 34 -32.06 -43.91 -35.71
CA LYS A 34 -30.68 -43.45 -35.84
C LYS A 34 -29.67 -44.58 -35.71
N LEU A 35 -30.08 -45.73 -35.17
CA LEU A 35 -29.15 -46.83 -34.93
C LEU A 35 -28.53 -47.32 -36.24
N ASN A 36 -29.34 -47.47 -37.28
CA ASN A 36 -28.82 -47.93 -38.57
C ASN A 36 -29.46 -47.15 -39.71
N LYS A 46 -14.26 -41.17 -41.47
CA LYS A 46 -14.03 -40.35 -40.29
C LYS A 46 -13.08 -39.19 -40.60
N LEU A 47 -12.96 -38.88 -41.90
CA LEU A 47 -12.11 -37.76 -42.31
C LEU A 47 -12.64 -36.44 -41.76
N THR A 48 -13.96 -36.25 -41.77
CA THR A 48 -14.55 -35.04 -41.22
C THR A 48 -14.25 -34.90 -39.73
N SER A 49 -14.21 -36.03 -39.01
CA SER A 49 -13.82 -36.00 -37.61
C SER A 49 -12.39 -35.50 -37.45
N VAL A 50 -11.48 -35.94 -38.32
CA VAL A 50 -10.10 -35.47 -38.26
C VAL A 50 -10.04 -33.97 -38.55
N VAL A 51 -10.80 -33.51 -39.54
CA VAL A 51 -10.82 -32.09 -39.87
C VAL A 51 -11.33 -31.27 -38.69
N PHE A 52 -12.39 -31.75 -38.04
CA PHE A 52 -12.93 -31.04 -36.88
C PHE A 52 -11.96 -31.05 -35.71
N ILE A 53 -11.22 -32.16 -35.53
CA ILE A 53 -10.18 -32.21 -34.51
C ILE A 53 -9.11 -31.16 -34.80
N LEU A 54 -8.69 -31.05 -36.05
CA LEU A 54 -7.71 -30.02 -36.43
C LEU A 54 -8.25 -28.62 -36.16
N ILE A 55 -9.54 -28.41 -36.46
CA ILE A 55 -10.15 -27.10 -36.19
C ILE A 55 -10.11 -26.79 -34.70
N CYS A 56 -10.45 -27.77 -33.87
CA CYS A 56 -10.42 -27.58 -32.42
C CYS A 56 -9.00 -27.30 -31.93
N CYS A 57 -8.01 -28.00 -32.48
CA CYS A 57 -6.62 -27.74 -32.09
C CYS A 57 -6.20 -26.34 -32.49
N PHE A 58 -6.63 -25.88 -33.67
CA PHE A 58 -6.37 -24.50 -34.07
C PHE A 58 -6.97 -23.51 -33.08
N ILE A 59 -8.21 -23.78 -32.66
CA ILE A 59 -8.88 -22.90 -31.69
C ILE A 59 -8.10 -22.87 -30.38
N ILE A 60 -7.67 -24.05 -29.91
CA ILE A 60 -6.88 -24.14 -28.69
C ILE A 60 -5.59 -23.33 -28.83
N LEU A 61 -4.92 -23.46 -29.98
CA LEU A 61 -3.67 -22.73 -30.20
C LEU A 61 -3.90 -21.22 -30.16
N GLU A 62 -4.96 -20.75 -30.80
CA GLU A 62 -5.25 -19.31 -30.78
C GLU A 62 -5.54 -18.83 -29.37
N ASN A 63 -6.33 -19.61 -28.61
CA ASN A 63 -6.71 -19.15 -27.28
C ASN A 63 -5.52 -19.17 -26.32
N ILE A 64 -4.63 -20.17 -26.45
CA ILE A 64 -3.45 -20.16 -25.60
C ILE A 64 -2.50 -19.04 -26.02
N PHE A 65 -2.48 -18.68 -27.32
CA PHE A 65 -1.71 -17.52 -27.74
C PHE A 65 -2.21 -16.26 -27.04
N VAL A 66 -3.53 -16.07 -27.01
CA VAL A 66 -4.09 -14.89 -26.35
C VAL A 66 -3.80 -14.91 -24.85
N LEU A 67 -3.96 -16.06 -24.21
CA LEU A 67 -3.71 -16.15 -22.77
C LEU A 67 -2.25 -15.86 -22.44
N LEU A 68 -1.32 -16.43 -23.21
CA LEU A 68 0.09 -16.15 -22.99
C LEU A 68 0.40 -14.68 -23.22
N THR A 69 -0.23 -14.08 -24.23
CA THR A 69 -0.03 -12.66 -24.48
C THR A 69 -0.46 -11.82 -23.29
N ILE A 70 -1.62 -12.14 -22.70
CA ILE A 70 -2.07 -11.36 -21.55
C ILE A 70 -1.47 -11.84 -20.24
N TRP A 71 -0.58 -12.83 -20.27
CA TRP A 71 0.14 -13.20 -19.06
C TRP A 71 1.44 -12.40 -18.92
N LYS A 72 2.06 -12.05 -20.05
CA LYS A 72 3.42 -11.53 -20.06
C LYS A 72 3.51 -10.01 -20.08
N THR A 73 2.39 -9.30 -20.05
CA THR A 73 2.39 -7.84 -20.11
C THR A 73 2.04 -7.30 -18.72
N LYS A 74 3.02 -6.66 -18.07
CA LYS A 74 2.83 -6.16 -16.71
C LYS A 74 1.80 -5.04 -16.63
N LYS A 75 1.42 -4.45 -17.76
CA LYS A 75 0.45 -3.37 -17.77
C LYS A 75 -0.98 -3.85 -17.98
N PHE A 76 -1.19 -5.16 -18.12
CA PHE A 76 -2.50 -5.72 -18.46
C PHE A 76 -3.07 -6.55 -17.31
N HIS A 77 -2.89 -6.09 -16.07
CA HIS A 77 -3.36 -6.80 -14.89
C HIS A 77 -4.57 -6.12 -14.25
N ARG A 78 -5.26 -5.25 -14.97
CA ARG A 78 -6.56 -4.76 -14.53
C ARG A 78 -7.62 -5.83 -14.75
N PRO A 79 -8.76 -5.72 -14.06
CA PRO A 79 -9.75 -6.82 -14.11
C PRO A 79 -10.25 -7.16 -15.51
N MET A 80 -10.23 -6.21 -16.45
CA MET A 80 -10.79 -6.47 -17.76
C MET A 80 -10.02 -7.56 -18.50
N TYR A 81 -8.69 -7.53 -18.40
CA TYR A 81 -7.91 -8.56 -19.07
C TYR A 81 -8.08 -9.91 -18.38
N TYR A 82 -8.38 -9.90 -17.08
CA TYR A 82 -8.73 -11.15 -16.41
C TYR A 82 -10.06 -11.70 -16.92
N PHE A 83 -11.02 -10.81 -17.20
CA PHE A 83 -12.26 -11.24 -17.85
C PHE A 83 -11.98 -11.84 -19.22
N ILE A 84 -11.11 -11.21 -19.99
CA ILE A 84 -10.73 -11.75 -21.29
C ILE A 84 -10.11 -13.14 -21.14
N GLY A 85 -9.25 -13.30 -20.15
CA GLY A 85 -8.66 -14.60 -19.88
C GLY A 85 -9.69 -15.64 -19.49
N ASN A 86 -10.70 -15.23 -18.72
CA ASN A 86 -11.79 -16.14 -18.36
C ASN A 86 -12.53 -16.61 -19.61
N LEU A 87 -12.81 -15.68 -20.52
CA LEU A 87 -13.46 -16.06 -21.78
C LEU A 87 -12.59 -17.04 -22.57
N ALA A 88 -11.29 -16.75 -22.66
CA ALA A 88 -10.39 -17.63 -23.40
C ALA A 88 -10.34 -19.02 -22.76
N LEU A 89 -10.30 -19.08 -21.43
CA LEU A 89 -10.27 -20.38 -20.75
C LEU A 89 -11.56 -21.15 -20.98
N SER A 90 -12.72 -20.47 -20.92
CA SER A 90 -13.98 -21.15 -21.18
C SER A 90 -14.02 -21.73 -22.59
N ASP A 91 -13.59 -20.93 -23.58
CA ASP A 91 -13.57 -21.43 -24.95
C ASP A 91 -12.57 -22.57 -25.11
N LEU A 92 -11.44 -22.51 -24.40
CA LEU A 92 -10.48 -23.61 -24.44
C LEU A 92 -11.10 -24.89 -23.87
N LEU A 93 -11.82 -24.78 -22.75
CA LEU A 93 -12.48 -25.94 -22.19
C LEU A 93 -13.49 -26.53 -23.16
N ALA A 94 -14.29 -25.66 -23.80
CA ALA A 94 -15.26 -26.14 -24.79
C ALA A 94 -14.57 -26.87 -25.92
N GLY A 95 -13.48 -26.31 -26.44
CA GLY A 95 -12.78 -26.94 -27.55
C GLY A 95 -12.17 -28.28 -27.17
N VAL A 96 -11.56 -28.35 -25.98
CA VAL A 96 -10.94 -29.60 -25.54
C VAL A 96 -12.01 -30.67 -25.29
N ALA A 97 -13.12 -30.28 -24.68
CA ALA A 97 -14.19 -31.24 -24.45
C ALA A 97 -14.77 -31.77 -25.76
N TYR A 98 -14.93 -30.89 -26.76
CA TYR A 98 -15.47 -31.37 -28.03
C TYR A 98 -14.44 -32.22 -28.78
N THR A 99 -13.15 -31.91 -28.62
CA THR A 99 -12.11 -32.79 -29.17
C THR A 99 -12.19 -34.17 -28.55
N ALA A 100 -12.38 -34.23 -27.23
CA ALA A 100 -12.55 -35.52 -26.56
C ALA A 100 -13.78 -36.25 -27.08
N ASN A 101 -14.86 -35.51 -27.33
CA ASN A 101 -16.05 -36.11 -27.91
C ASN A 101 -15.76 -36.70 -29.28
N LEU A 102 -14.99 -35.98 -30.10
CA LEU A 102 -14.62 -36.48 -31.42
C LEU A 102 -13.80 -37.76 -31.31
N LEU A 103 -12.85 -37.79 -30.38
CA LEU A 103 -12.01 -38.97 -30.22
C LEU A 103 -12.81 -40.16 -29.67
N LEU A 104 -13.91 -39.89 -28.97
CA LEU A 104 -14.74 -40.93 -28.35
C LEU A 104 -15.73 -41.57 -29.34
N SER A 105 -15.74 -41.14 -30.59
CA SER A 105 -16.65 -41.70 -31.57
C SER A 105 -16.34 -43.17 -31.83
N GLY A 106 -17.38 -43.97 -31.96
CA GLY A 106 -17.22 -45.39 -32.19
C GLY A 106 -18.54 -46.12 -31.97
N ALA A 107 -18.48 -47.44 -32.23
CA ALA A 107 -19.67 -48.27 -32.05
C ALA A 107 -20.07 -48.37 -30.58
N THR A 108 -19.07 -48.38 -29.68
CA THR A 108 -19.33 -48.59 -28.27
C THR A 108 -20.21 -47.49 -27.67
N THR A 109 -20.56 -46.49 -28.48
CA THR A 109 -21.52 -45.49 -28.04
C THR A 109 -22.89 -46.08 -27.78
N TYR A 110 -23.17 -47.29 -28.30
CA TYR A 110 -24.41 -47.99 -27.98
C TYR A 110 -24.12 -49.33 -27.29
N LYS A 111 -22.98 -49.42 -26.60
CA LYS A 111 -22.57 -50.66 -25.96
C LYS A 111 -22.12 -50.48 -24.52
N LEU A 112 -22.32 -49.31 -23.91
CA LEU A 112 -21.83 -49.04 -22.58
C LEU A 112 -22.84 -48.22 -21.78
N THR A 113 -22.54 -48.03 -20.50
CA THR A 113 -23.48 -47.44 -19.57
C THR A 113 -23.77 -45.98 -19.94
N PRO A 114 -25.01 -45.52 -19.80
CA PRO A 114 -25.34 -44.12 -20.16
C PRO A 114 -24.54 -43.06 -19.41
N ALA A 115 -23.66 -43.45 -18.50
CA ALA A 115 -22.87 -42.46 -17.75
C ALA A 115 -22.04 -41.60 -18.68
N GLN A 116 -21.40 -42.22 -19.68
CA GLN A 116 -20.61 -41.46 -20.64
C GLN A 116 -21.48 -40.52 -21.47
N TRP A 117 -22.68 -40.96 -21.83
CA TRP A 117 -23.61 -40.11 -22.58
C TRP A 117 -23.98 -38.87 -21.77
N PHE A 118 -24.36 -39.08 -20.50
CA PHE A 118 -24.67 -37.95 -19.62
C PHE A 118 -23.47 -37.05 -19.42
N LEU A 119 -22.27 -37.63 -19.32
CA LEU A 119 -21.06 -36.83 -19.16
C LEU A 119 -20.84 -35.92 -20.37
N ARG A 120 -20.97 -36.49 -21.58
CA ARG A 120 -20.83 -35.69 -22.79
C ARG A 120 -21.84 -34.56 -22.82
N GLU A 121 -23.08 -34.86 -22.55
CA GLU A 121 -24.17 -33.88 -22.59
C GLU A 121 -23.80 -32.76 -21.62
N GLY A 122 -23.62 -33.10 -20.35
CA GLY A 122 -23.36 -32.09 -19.35
C GLY A 122 -22.14 -31.24 -19.66
N SER A 123 -21.09 -31.87 -20.20
CA SER A 123 -19.90 -31.11 -20.58
C SER A 123 -20.23 -30.08 -21.64
N MET A 124 -20.98 -30.47 -22.66
CA MET A 124 -21.35 -29.51 -23.70
C MET A 124 -22.19 -28.37 -23.13
N PHE A 125 -23.19 -28.69 -22.30
CA PHE A 125 -24.03 -27.63 -21.75
C PHE A 125 -23.22 -26.67 -20.90
N VAL A 126 -22.38 -27.21 -20.01
CA VAL A 126 -21.62 -26.35 -19.10
C VAL A 126 -20.65 -25.48 -19.89
N ALA A 127 -19.99 -26.04 -20.91
CA ALA A 127 -19.04 -25.25 -21.69
C ALA A 127 -19.75 -24.10 -22.40
N LEU A 128 -20.84 -24.40 -23.11
CA LEU A 128 -21.52 -23.35 -23.86
C LEU A 128 -22.08 -22.27 -22.94
N SER A 129 -22.73 -22.68 -21.84
CA SER A 129 -23.29 -21.69 -20.93
C SER A 129 -22.20 -20.86 -20.28
N ALA A 130 -21.06 -21.48 -19.94
CA ALA A 130 -19.95 -20.73 -19.38
C ALA A 130 -19.44 -19.68 -20.35
N SER A 131 -19.29 -20.04 -21.62
CA SER A 131 -18.82 -19.08 -22.61
C SER A 131 -19.79 -17.91 -22.75
N VAL A 132 -21.08 -18.21 -22.85
CA VAL A 132 -22.06 -17.14 -23.05
C VAL A 132 -22.10 -16.22 -21.83
N TRP A 133 -22.09 -16.80 -20.63
CA TRP A 133 -22.15 -15.98 -19.43
C TRP A 133 -20.87 -15.18 -19.23
N SER A 134 -19.72 -15.71 -19.65
CA SER A 134 -18.49 -14.92 -19.62
C SER A 134 -18.59 -13.71 -20.56
N LEU A 135 -19.15 -13.91 -21.75
CA LEU A 135 -19.35 -12.78 -22.66
C LEU A 135 -20.23 -11.71 -22.02
N LEU A 136 -21.35 -12.12 -21.43
CA LEU A 136 -22.24 -11.13 -20.84
C LEU A 136 -21.59 -10.47 -19.62
N ALA A 137 -20.75 -11.20 -18.89
CA ALA A 137 -20.02 -10.61 -17.76
C ALA A 137 -19.04 -9.54 -18.23
N ILE A 138 -18.33 -9.81 -19.34
CA ILE A 138 -17.45 -8.80 -19.91
C ILE A 138 -18.24 -7.55 -20.29
N ALA A 139 -19.41 -7.75 -20.91
CA ALA A 139 -20.25 -6.60 -21.22
C ALA A 139 -20.65 -5.83 -19.97
N ILE A 140 -20.96 -6.55 -18.88
CA ILE A 140 -21.32 -5.89 -17.62
C ILE A 140 -20.17 -5.03 -17.13
N GLU A 141 -18.97 -5.61 -17.10
CA GLU A 141 -17.79 -4.86 -16.65
C GLU A 141 -17.60 -3.58 -17.46
N ARG A 142 -17.62 -3.70 -18.79
CA ARG A 142 -17.43 -2.51 -19.62
C ARG A 142 -18.51 -1.47 -19.36
N TYR A 143 -19.77 -1.90 -19.22
CA TYR A 143 -20.83 -0.91 -19.08
C TYR A 143 -20.77 -0.22 -17.72
N ILE A 144 -20.36 -0.95 -16.68
CA ILE A 144 -20.28 -0.32 -15.35
C ILE A 144 -19.10 0.66 -15.31
N THR A 145 -17.93 0.23 -15.80
CA THR A 145 -16.71 1.00 -15.56
C THR A 145 -16.83 2.43 -16.08
N MET A 146 -17.49 2.63 -17.22
CA MET A 146 -17.59 3.94 -17.84
C MET A 146 -18.96 4.57 -17.73
N LEU A 147 -19.85 4.03 -16.90
CA LEU A 147 -21.16 4.63 -16.71
C LEU A 147 -21.05 5.99 -16.04
N LYS A 148 -21.97 6.90 -16.37
CA LYS A 148 -21.87 8.27 -15.90
C LYS A 148 -22.29 8.32 -14.43
N MET A 149 -21.66 7.46 -13.62
CA MET A 149 -21.58 7.60 -12.18
C MET A 149 -20.21 7.20 -11.66
N LYS A 150 -19.45 6.42 -12.42
CA LYS A 150 -18.06 6.11 -12.11
C LYS A 150 -17.11 6.76 -13.11
N LEU A 151 -17.57 7.82 -13.80
CA LEU A 151 -16.74 8.53 -14.75
C LEU A 151 -15.85 9.53 -14.03
N HIS A 152 -15.17 9.08 -12.98
CA HIS A 152 -14.31 9.91 -12.14
C HIS A 152 -14.91 11.28 -11.82
N PHE A 158 -13.99 -7.80 -5.36
CA PHE A 158 -15.40 -7.76 -5.02
C PHE A 158 -16.23 -8.43 -6.11
N ARG A 159 -16.77 -7.62 -7.04
CA ARG A 159 -17.63 -8.15 -8.09
C ARG A 159 -16.88 -9.01 -9.10
N LEU A 160 -15.55 -8.93 -9.14
CA LEU A 160 -14.75 -9.75 -10.05
C LEU A 160 -14.95 -11.24 -9.80
N PHE A 161 -14.50 -11.70 -8.63
CA PHE A 161 -14.63 -13.11 -8.28
C PHE A 161 -16.09 -13.49 -8.11
N LEU A 162 -16.91 -12.58 -7.59
CA LEU A 162 -18.35 -12.83 -7.47
C LEU A 162 -18.93 -13.19 -8.83
N LEU A 163 -18.66 -12.38 -9.85
CA LEU A 163 -19.28 -12.61 -11.15
C LEU A 163 -18.71 -13.84 -11.83
N ILE A 164 -17.39 -14.03 -11.80
CA ILE A 164 -16.82 -15.19 -12.48
C ILE A 164 -17.30 -16.49 -11.83
N SER A 165 -17.31 -16.54 -10.50
CA SER A 165 -17.76 -17.74 -9.81
C SER A 165 -19.25 -17.95 -10.00
N ALA A 166 -20.03 -16.87 -10.03
CA ALA A 166 -21.47 -17.01 -10.27
C ALA A 166 -21.72 -17.62 -11.63
N CYS A 167 -21.02 -17.12 -12.66
CA CYS A 167 -21.19 -17.68 -14.00
C CYS A 167 -20.81 -19.15 -14.03
N TRP A 168 -19.64 -19.49 -13.50
CA TRP A 168 -19.19 -20.88 -13.55
C TRP A 168 -20.14 -21.81 -12.80
N VAL A 169 -20.57 -21.39 -11.61
CA VAL A 169 -21.43 -22.25 -10.78
C VAL A 169 -22.81 -22.40 -11.41
N ILE A 170 -23.37 -21.31 -11.95
CA ILE A 170 -24.67 -21.40 -12.61
C ILE A 170 -24.59 -22.33 -13.81
N SER A 171 -23.52 -22.22 -14.59
CA SER A 171 -23.37 -23.10 -15.76
C SER A 171 -23.26 -24.55 -15.32
N LEU A 172 -22.47 -24.83 -14.27
CA LEU A 172 -22.32 -26.20 -13.83
C LEU A 172 -23.63 -26.76 -13.26
N ILE A 173 -24.39 -25.93 -12.55
CA ILE A 173 -25.67 -26.38 -12.01
C ILE A 173 -26.65 -26.70 -13.13
N LEU A 174 -26.78 -25.79 -14.10
CA LEU A 174 -27.65 -26.07 -15.24
C LEU A 174 -27.18 -27.32 -15.97
N GLY A 175 -25.87 -27.57 -16.00
CA GLY A 175 -25.38 -28.75 -16.67
C GLY A 175 -25.70 -30.04 -15.95
N GLY A 176 -25.89 -29.98 -14.63
CA GLY A 176 -26.19 -31.14 -13.83
C GLY A 176 -27.66 -31.38 -13.55
N LEU A 177 -28.54 -30.50 -14.01
CA LEU A 177 -29.97 -30.66 -13.74
C LEU A 177 -30.58 -31.93 -14.32
N PRO A 178 -30.27 -32.38 -15.55
CA PRO A 178 -31.00 -33.53 -16.10
C PRO A 178 -30.92 -34.80 -15.26
N ILE A 179 -29.80 -35.06 -14.59
CA ILE A 179 -29.63 -36.30 -13.85
C ILE A 179 -30.11 -36.15 -12.40
N MET A 180 -30.85 -35.08 -12.10
CA MET A 180 -31.40 -34.87 -10.77
C MET A 180 -32.90 -35.12 -10.72
N GLY A 181 -33.54 -35.40 -11.86
CA GLY A 181 -34.97 -35.62 -11.88
C GLY A 181 -35.69 -35.09 -13.11
N TRP A 182 -34.94 -34.50 -14.04
CA TRP A 182 -35.51 -33.98 -15.29
C TRP A 182 -34.94 -34.80 -16.45
N ASN A 183 -35.60 -35.91 -16.76
CA ASN A 183 -35.22 -36.76 -17.88
C ASN A 183 -36.36 -37.74 -18.16
N CYS A 184 -36.36 -38.26 -19.38
CA CYS A 184 -37.41 -39.19 -19.79
C CYS A 184 -36.99 -40.64 -19.54
N SER A 186 -39.68 -44.07 -18.28
CA SER A 186 -41.13 -44.12 -18.10
C SER A 186 -41.80 -42.92 -18.77
N ALA A 187 -41.04 -42.21 -19.59
CA ALA A 187 -41.52 -41.05 -20.32
C ALA A 187 -41.08 -41.12 -21.78
N LEU A 188 -41.28 -42.29 -22.40
CA LEU A 188 -40.82 -42.51 -23.76
C LEU A 188 -41.43 -41.50 -24.73
N SER A 189 -42.64 -41.01 -24.44
CA SER A 189 -43.25 -39.99 -25.30
C SER A 189 -42.45 -38.69 -25.27
N SER A 190 -41.93 -38.32 -24.09
CA SER A 190 -41.24 -37.05 -23.92
C SER A 190 -39.75 -37.13 -24.25
N CYS A 191 -39.26 -38.29 -24.68
CA CYS A 191 -37.87 -38.40 -25.09
C CYS A 191 -37.63 -37.61 -26.38
N SER A 192 -36.42 -37.08 -26.53
CA SER A 192 -36.11 -36.18 -27.63
C SER A 192 -35.64 -36.94 -28.87
N THR A 193 -35.23 -36.18 -29.88
CA THR A 193 -34.75 -36.73 -31.14
C THR A 193 -33.26 -36.53 -31.36
N VAL A 194 -32.75 -35.32 -31.16
CA VAL A 194 -31.32 -35.07 -31.31
C VAL A 194 -30.53 -35.84 -30.26
N LEU A 195 -31.00 -35.80 -29.02
CA LEU A 195 -30.50 -36.67 -27.95
C LEU A 195 -31.65 -37.57 -27.53
N PRO A 196 -31.70 -38.82 -28.01
CA PRO A 196 -32.92 -39.63 -27.86
C PRO A 196 -33.30 -40.02 -26.44
N LEU A 197 -32.36 -39.99 -25.50
CA LEU A 197 -32.64 -40.40 -24.12
C LEU A 197 -32.89 -39.21 -23.19
N TYR A 198 -33.40 -38.10 -23.70
CA TYR A 198 -33.49 -36.86 -22.94
C TYR A 198 -34.89 -36.29 -23.12
N HIS A 199 -35.30 -35.45 -22.17
CA HIS A 199 -36.68 -34.99 -22.07
C HIS A 199 -36.89 -33.81 -23.02
N LYS A 200 -38.05 -33.15 -22.94
CA LYS A 200 -38.44 -32.17 -23.96
C LYS A 200 -39.02 -30.86 -23.43
N HIS A 201 -38.56 -30.33 -22.29
CA HIS A 201 -38.93 -28.97 -21.91
C HIS A 201 -37.71 -28.14 -21.53
N TYR A 202 -36.67 -28.79 -20.99
CA TYR A 202 -35.43 -28.11 -20.66
C TYR A 202 -34.80 -27.48 -21.90
N ILE A 203 -35.08 -28.02 -23.08
CA ILE A 203 -34.65 -27.40 -24.33
C ILE A 203 -35.30 -26.03 -24.49
N LEU A 204 -36.61 -25.95 -24.25
CA LEU A 204 -37.29 -24.65 -24.32
C LEU A 204 -36.73 -23.70 -23.26
N PHE A 205 -36.45 -24.22 -22.07
CA PHE A 205 -35.85 -23.41 -21.01
C PHE A 205 -34.53 -22.80 -21.47
N CYS A 206 -33.65 -23.63 -22.03
CA CYS A 206 -32.33 -23.13 -22.42
C CYS A 206 -32.41 -22.19 -23.60
N THR A 207 -33.31 -22.43 -24.56
CA THR A 207 -33.48 -21.49 -25.65
C THR A 207 -33.97 -20.14 -25.12
N THR A 208 -34.90 -20.15 -24.16
CA THR A 208 -35.37 -18.90 -23.57
C THR A 208 -34.24 -18.14 -22.90
N VAL A 209 -33.41 -18.84 -22.10
CA VAL A 209 -32.35 -18.14 -21.39
C VAL A 209 -31.29 -17.60 -22.36
N PHE A 210 -31.00 -18.37 -23.42
CA PHE A 210 -30.04 -17.87 -24.42
C PHE A 210 -30.56 -16.64 -25.13
N THR A 211 -31.85 -16.62 -25.49
CA THR A 211 -32.41 -15.43 -26.12
C THR A 211 -32.37 -14.24 -25.17
N LEU A 212 -32.67 -14.49 -23.89
CA LEU A 212 -32.58 -13.42 -22.90
C LEU A 212 -31.17 -12.83 -22.84
N LEU A 213 -30.16 -13.70 -22.81
CA LEU A 213 -28.78 -13.23 -22.71
C LEU A 213 -28.38 -12.45 -23.96
N LEU A 214 -28.81 -12.91 -25.14
CA LEU A 214 -28.54 -12.18 -26.37
C LEU A 214 -29.12 -10.77 -26.31
N LEU A 215 -30.39 -10.66 -25.91
CA LEU A 215 -31.01 -9.34 -25.83
C LEU A 215 -30.31 -8.46 -24.80
N SER A 216 -29.89 -9.06 -23.69
CA SER A 216 -29.18 -8.28 -22.67
C SER A 216 -27.88 -7.70 -23.23
N ILE A 217 -27.11 -8.52 -23.94
CA ILE A 217 -25.83 -8.05 -24.49
C ILE A 217 -26.07 -6.92 -25.48
N VAL A 218 -27.04 -7.10 -26.39
CA VAL A 218 -27.25 -6.08 -27.41
C VAL A 218 -27.71 -4.77 -26.77
N ILE A 219 -28.57 -4.85 -25.74
CA ILE A 219 -29.03 -3.65 -25.05
C ILE A 219 -27.87 -2.95 -24.38
N LEU A 220 -27.01 -3.71 -23.68
CA LEU A 220 -25.89 -3.08 -22.99
C LEU A 220 -24.97 -2.35 -23.97
N TYR A 221 -24.65 -2.98 -25.10
CA TYR A 221 -23.72 -2.34 -26.01
C TYR A 221 -24.34 -1.14 -26.72
N CYS A 222 -25.63 -1.22 -27.09
CA CYS A 222 -26.25 -0.04 -27.70
C CYS A 222 -26.33 1.11 -26.70
N ARG A 223 -26.52 0.79 -25.41
CA ARG A 223 -26.59 1.84 -24.40
C ARG A 223 -25.24 2.50 -24.18
N ILE A 224 -24.15 1.71 -24.20
CA ILE A 224 -22.82 2.30 -24.17
C ILE A 224 -22.60 3.21 -25.38
N TYR A 225 -23.02 2.76 -26.56
CA TYR A 225 -22.88 3.59 -27.74
C TYR A 225 -23.63 4.91 -27.60
N SER A 226 -24.87 4.84 -27.10
CA SER A 226 -25.64 6.07 -26.89
C SER A 226 -24.92 7.03 -25.95
N LEU A 227 -24.42 6.49 -24.83
CA LEU A 227 -23.74 7.34 -23.86
C LEU A 227 -22.53 8.05 -24.48
N VAL A 228 -21.66 7.28 -25.14
CA VAL A 228 -20.45 7.89 -25.71
C VAL A 228 -20.83 8.89 -26.80
N ARG A 229 -21.78 8.51 -27.67
CA ARG A 229 -22.17 9.38 -28.77
C ARG A 229 -22.64 10.72 -28.26
N THR A 230 -23.60 10.70 -27.33
CA THR A 230 -24.13 11.95 -26.79
C THR A 230 -23.03 12.76 -26.10
N ARG A 231 -22.28 12.13 -25.19
CA ARG A 231 -21.39 12.90 -24.33
C ARG A 231 -20.13 13.37 -25.07
N SER A 232 -19.84 12.81 -26.24
CA SER A 232 -18.73 13.31 -27.03
C SER A 232 -19.15 14.12 -28.24
N ARG A 233 -20.44 14.16 -28.56
CA ARG A 233 -20.89 15.00 -29.66
C ARG A 233 -21.48 16.33 -29.18
N ARG A 234 -22.10 16.36 -27.99
CA ARG A 234 -22.74 17.58 -27.53
C ARG A 234 -21.75 18.73 -27.39
N LEU A 235 -20.48 18.42 -27.11
CA LEU A 235 -19.49 19.44 -26.75
C LEU A 235 -18.75 20.00 -27.95
N THR A 236 -19.08 19.57 -29.16
CA THR A 236 -18.55 20.11 -30.41
C THR A 236 -17.02 20.22 -30.39
N PHE A 237 -16.37 19.05 -30.26
CA PHE A 237 -14.93 18.95 -30.47
C PHE A 237 -14.64 18.19 -31.75
N LEU A 252 -15.49 9.43 -33.97
CA LEU A 252 -15.35 8.58 -32.79
C LEU A 252 -15.10 7.13 -33.19
N ALA A 253 -15.73 6.70 -34.28
CA ALA A 253 -15.49 5.38 -34.88
C ALA A 253 -15.71 4.26 -33.87
N LEU A 254 -16.73 4.42 -33.02
CA LEU A 254 -17.05 3.39 -32.04
C LEU A 254 -17.78 2.22 -32.68
N LEU A 255 -18.94 2.48 -33.30
CA LEU A 255 -19.80 1.41 -33.77
C LEU A 255 -19.17 0.54 -34.84
N LYS A 256 -18.07 0.98 -35.46
CA LYS A 256 -17.41 0.14 -36.45
C LYS A 256 -16.71 -1.05 -35.82
N THR A 257 -16.72 -1.15 -34.49
CA THR A 257 -16.32 -2.37 -33.82
C THR A 257 -17.48 -3.03 -33.08
N VAL A 258 -18.37 -2.22 -32.50
CA VAL A 258 -19.42 -2.74 -31.62
C VAL A 258 -20.26 -3.79 -32.35
N ILE A 259 -20.85 -3.39 -33.48
CA ILE A 259 -21.71 -4.31 -34.23
C ILE A 259 -20.94 -5.54 -34.68
N ILE A 260 -19.62 -5.40 -34.89
CA ILE A 260 -18.81 -6.54 -35.28
C ILE A 260 -18.81 -7.59 -34.19
N VAL A 261 -18.67 -7.15 -32.92
CA VAL A 261 -18.73 -8.09 -31.81
C VAL A 261 -20.07 -8.80 -31.80
N LEU A 262 -21.15 -8.08 -32.08
CA LEU A 262 -22.45 -8.73 -32.26
C LEU A 262 -22.44 -9.62 -33.50
N SER A 263 -21.91 -9.10 -34.61
CA SER A 263 -22.07 -9.74 -35.91
C SER A 263 -21.57 -11.17 -35.89
N VAL A 264 -20.27 -11.35 -35.62
CA VAL A 264 -19.68 -12.67 -35.63
C VAL A 264 -20.38 -13.58 -34.63
N PHE A 265 -20.92 -13.01 -33.57
CA PHE A 265 -21.66 -13.82 -32.60
C PHE A 265 -22.88 -14.47 -33.25
N ILE A 266 -23.69 -13.67 -33.95
CA ILE A 266 -24.97 -14.17 -34.45
C ILE A 266 -24.74 -15.31 -35.44
N ALA A 267 -23.88 -15.08 -36.43
CA ALA A 267 -23.58 -16.12 -37.41
C ALA A 267 -22.98 -17.36 -36.75
N CYS A 268 -22.34 -17.22 -35.60
CA CYS A 268 -21.77 -18.37 -34.92
C CYS A 268 -22.74 -19.04 -33.95
N TRP A 269 -23.93 -18.47 -33.77
CA TRP A 269 -24.85 -18.98 -32.76
C TRP A 269 -26.21 -19.39 -33.30
N ALA A 270 -26.70 -18.70 -34.34
CA ALA A 270 -28.02 -19.02 -34.89
C ALA A 270 -28.13 -20.43 -35.45
N PRO A 271 -27.21 -20.92 -36.30
CA PRO A 271 -27.49 -22.18 -37.02
C PRO A 271 -27.82 -23.36 -36.11
N LEU A 272 -27.14 -23.50 -34.97
CA LEU A 272 -27.54 -24.51 -34.01
C LEU A 272 -28.87 -24.13 -33.35
N PHE A 273 -28.97 -22.88 -32.90
CA PHE A 273 -30.16 -22.42 -32.18
C PHE A 273 -31.42 -22.54 -33.02
N ILE A 274 -31.29 -22.59 -34.34
CA ILE A 274 -32.44 -22.88 -35.19
C ILE A 274 -32.78 -24.36 -35.16
N LEU A 275 -31.78 -25.22 -35.44
CA LEU A 275 -32.05 -26.64 -35.60
C LEU A 275 -32.61 -27.24 -34.32
N LEU A 276 -32.09 -26.83 -33.16
CA LEU A 276 -32.63 -27.31 -31.89
C LEU A 276 -34.11 -26.98 -31.76
N LEU A 277 -34.50 -25.78 -32.18
CA LEU A 277 -35.92 -25.43 -32.18
C LEU A 277 -36.70 -26.36 -33.12
N LEU A 278 -36.11 -26.68 -34.26
CA LEU A 278 -36.76 -27.62 -35.19
C LEU A 278 -36.95 -28.98 -34.55
N ASP A 279 -36.22 -29.29 -33.48
CA ASP A 279 -36.45 -30.53 -32.75
C ASP A 279 -37.87 -30.62 -32.23
N VAL A 280 -38.45 -29.48 -31.86
CA VAL A 280 -39.82 -29.45 -31.34
C VAL A 280 -40.72 -28.47 -32.08
N LYS A 283 -44.36 -36.93 -33.83
CA LYS A 283 -43.54 -36.80 -35.03
C LYS A 283 -42.29 -37.66 -34.92
N VAL A 284 -42.49 -38.93 -34.57
CA VAL A 284 -41.37 -39.84 -34.36
C VAL A 284 -40.82 -40.29 -35.71
N LYS A 285 -39.52 -40.10 -35.91
CA LYS A 285 -38.83 -40.48 -37.15
C LYS A 285 -39.55 -39.91 -38.37
N THR A 286 -39.76 -38.59 -38.34
CA THR A 286 -40.44 -37.89 -39.43
C THR A 286 -39.55 -36.84 -40.07
N CYS A 287 -38.87 -36.01 -39.29
CA CYS A 287 -37.99 -34.98 -39.81
C CYS A 287 -36.59 -35.54 -39.95
N ASP A 288 -36.17 -35.78 -41.20
CA ASP A 288 -34.91 -36.47 -41.44
C ASP A 288 -33.71 -35.57 -41.17
N ILE A 289 -33.86 -34.26 -41.37
CA ILE A 289 -32.72 -33.35 -41.21
C ILE A 289 -32.23 -33.32 -39.76
N LEU A 290 -33.11 -33.64 -38.81
CA LEU A 290 -32.75 -33.62 -37.40
C LEU A 290 -31.70 -34.66 -37.02
N PHE A 291 -31.22 -35.46 -37.95
CA PHE A 291 -30.23 -36.48 -37.65
C PHE A 291 -28.87 -36.17 -38.27
N ARG A 292 -28.68 -34.98 -38.82
CA ARG A 292 -27.42 -34.53 -39.39
C ARG A 292 -26.99 -33.27 -38.65
N ALA A 293 -26.36 -33.44 -37.49
CA ALA A 293 -25.83 -32.34 -36.72
C ALA A 293 -24.33 -32.13 -36.89
N GLU A 294 -23.68 -33.00 -37.67
CA GLU A 294 -22.22 -33.03 -37.71
C GLU A 294 -21.65 -31.67 -38.12
N TYR A 295 -22.28 -31.01 -39.08
CA TYR A 295 -21.81 -29.73 -39.58
C TYR A 295 -22.53 -28.54 -38.95
N PHE A 296 -23.42 -28.79 -37.99
CA PHE A 296 -24.13 -27.73 -37.29
C PHE A 296 -23.45 -27.35 -35.98
N LEU A 297 -23.33 -28.31 -35.05
CA LEU A 297 -22.78 -27.99 -33.74
C LEU A 297 -21.39 -27.41 -33.83
N VAL A 298 -20.62 -27.79 -34.85
CA VAL A 298 -19.26 -27.28 -35.00
C VAL A 298 -19.26 -25.76 -35.14
N LEU A 299 -20.27 -25.20 -35.80
CA LEU A 299 -20.38 -23.74 -35.88
C LEU A 299 -20.41 -23.14 -34.48
N ALA A 300 -21.20 -23.74 -33.58
CA ALA A 300 -21.25 -23.24 -32.21
C ALA A 300 -19.88 -23.27 -31.56
N VAL A 301 -19.16 -24.38 -31.68
CA VAL A 301 -17.83 -24.41 -31.10
C VAL A 301 -16.87 -23.58 -31.94
N LEU A 302 -17.20 -23.37 -33.22
CA LEU A 302 -16.44 -22.42 -34.02
C LEU A 302 -16.59 -20.99 -33.51
N ASN A 303 -17.59 -20.74 -32.65
CA ASN A 303 -17.67 -19.45 -31.99
C ASN A 303 -16.46 -19.20 -31.10
N SER A 304 -15.84 -20.27 -30.60
CA SER A 304 -14.59 -20.15 -29.87
C SER A 304 -13.41 -19.78 -30.76
N GLY A 305 -13.57 -19.89 -32.08
CA GLY A 305 -12.50 -19.57 -33.01
C GLY A 305 -12.36 -18.12 -33.40
N THR A 306 -13.29 -17.27 -32.99
CA THR A 306 -13.26 -15.86 -33.36
C THR A 306 -13.05 -14.92 -32.18
N ASN A 307 -13.34 -15.35 -30.96
CA ASN A 307 -12.98 -14.56 -29.79
C ASN A 307 -11.50 -14.24 -29.63
N PRO A 308 -10.54 -15.08 -30.08
CA PRO A 308 -9.13 -14.65 -30.11
C PRO A 308 -8.81 -13.60 -31.16
N ILE A 309 -9.82 -13.09 -31.87
CA ILE A 309 -9.65 -12.01 -32.83
C ILE A 309 -10.54 -10.82 -32.52
N ILE A 310 -11.82 -11.06 -32.24
CA ILE A 310 -12.77 -9.97 -32.10
C ILE A 310 -12.56 -9.17 -30.81
N TYR A 311 -11.95 -9.77 -29.79
CA TYR A 311 -11.80 -9.09 -28.51
C TYR A 311 -10.40 -8.57 -28.26
N THR A 312 -9.42 -8.96 -29.09
CA THR A 312 -8.05 -8.49 -28.94
C THR A 312 -7.66 -7.63 -30.12
N LEU A 313 -7.82 -8.12 -31.36
CA LEU A 313 -7.28 -7.43 -32.52
C LEU A 313 -8.12 -6.22 -32.88
N THR A 314 -8.39 -5.36 -31.90
CA THR A 314 -9.02 -4.07 -32.13
C THR A 314 -8.27 -2.91 -31.49
N ASN A 315 -7.33 -3.17 -30.58
CA ASN A 315 -6.54 -2.14 -29.94
C ASN A 315 -5.06 -2.36 -30.25
N LYS A 316 -4.32 -1.25 -30.28
CA LYS A 316 -2.92 -1.32 -30.71
C LYS A 316 -2.05 -2.07 -29.72
N GLU A 317 -2.35 -1.95 -28.42
CA GLU A 317 -1.50 -2.54 -27.39
C GLU A 317 -1.49 -4.06 -27.51
N MET A 318 -2.68 -4.66 -27.68
CA MET A 318 -2.75 -6.11 -27.83
C MET A 318 -2.04 -6.56 -29.10
N ARG A 319 -2.13 -5.77 -30.18
CA ARG A 319 -1.41 -6.07 -31.39
C ARG A 319 0.10 -6.11 -31.13
N ARG A 320 0.63 -5.06 -30.50
CA ARG A 320 2.05 -5.01 -30.20
C ARG A 320 2.47 -6.19 -29.34
N ALA A 321 1.67 -6.51 -28.32
CA ALA A 321 2.02 -7.63 -27.44
C ALA A 321 2.02 -8.96 -28.19
N PHE A 322 1.05 -9.16 -29.09
CA PHE A 322 0.99 -10.41 -29.83
C PHE A 322 2.14 -10.54 -30.81
N ILE A 323 2.48 -9.45 -31.52
CA ILE A 323 3.54 -9.53 -32.52
C ILE A 323 4.87 -9.84 -31.88
N ARG A 324 5.24 -9.09 -30.84
CA ARG A 324 6.54 -9.25 -30.20
C ARG A 324 6.60 -8.49 -28.88
N GLY B 2 -7.54 -15.58 14.37
CA GLY B 2 -6.25 -15.44 15.05
C GLY B 2 -6.28 -15.91 16.49
N CYS B 3 -6.70 -17.16 16.70
CA CYS B 3 -6.77 -17.70 18.05
C CYS B 3 -5.39 -17.88 18.69
N THR B 4 -4.32 -17.84 17.90
CA THR B 4 -2.97 -17.98 18.46
C THR B 4 -2.50 -16.70 19.14
N LEU B 5 -3.08 -15.55 18.78
CA LEU B 5 -2.59 -14.28 19.29
C LEU B 5 -2.84 -14.15 20.79
N SER B 6 -2.35 -13.05 21.35
CA SER B 6 -2.55 -12.76 22.77
C SER B 6 -3.66 -11.72 22.92
N ALA B 7 -3.85 -11.24 24.15
CA ALA B 7 -4.97 -10.35 24.43
C ALA B 7 -4.86 -9.04 23.67
N GLU B 8 -3.64 -8.47 23.62
CA GLU B 8 -3.46 -7.11 23.11
C GLU B 8 -3.31 -7.06 21.60
N ASP B 9 -2.95 -8.17 20.97
CA ASP B 9 -2.92 -8.23 19.52
C ASP B 9 -4.30 -8.02 18.93
N LYS B 10 -5.36 -8.45 19.63
CA LYS B 10 -6.71 -8.18 19.16
C LYS B 10 -6.97 -6.68 19.11
N ALA B 11 -6.54 -5.96 20.14
CA ALA B 11 -6.73 -4.51 20.16
C ALA B 11 -5.91 -3.81 19.07
N ALA B 12 -4.69 -4.29 18.82
CA ALA B 12 -3.90 -3.72 17.74
C ALA B 12 -4.51 -4.00 16.37
N VAL B 13 -5.05 -5.21 16.17
CA VAL B 13 -5.71 -5.54 14.90
C VAL B 13 -6.95 -4.68 14.70
N GLU B 14 -7.74 -4.49 15.76
CA GLU B 14 -8.93 -3.65 15.64
C GLU B 14 -8.55 -2.22 15.30
N ARG B 15 -7.48 -1.71 15.92
CA ARG B 15 -7.00 -0.37 15.58
C ARG B 15 -6.57 -0.25 14.12
N SER B 16 -5.80 -1.21 13.63
CA SER B 16 -5.38 -1.17 12.23
C SER B 16 -6.58 -1.22 11.29
N LYS B 17 -7.61 -2.00 11.64
CA LYS B 17 -8.79 -2.07 10.79
C LYS B 17 -9.56 -0.75 10.78
N MET B 18 -9.62 -0.07 11.93
CA MET B 18 -10.26 1.25 11.94
C MET B 18 -9.48 2.26 11.10
N ILE B 19 -8.15 2.20 11.16
CA ILE B 19 -7.33 3.07 10.31
C ILE B 19 -7.62 2.78 8.85
N ASP B 20 -7.76 1.50 8.49
CA ASP B 20 -8.09 1.13 7.12
C ASP B 20 -9.42 1.72 6.69
N ARG B 21 -10.42 1.64 7.57
CA ARG B 21 -11.74 2.19 7.25
C ARG B 21 -11.66 3.68 6.95
N ASN B 22 -10.95 4.43 7.82
CA ASN B 22 -10.85 5.86 7.63
C ASN B 22 -10.11 6.20 6.34
N LEU B 23 -9.03 5.46 6.04
CA LEU B 23 -8.31 5.68 4.79
C LEU B 23 -9.22 5.46 3.59
N ARG B 24 -10.02 4.39 3.62
CA ARG B 24 -10.88 4.10 2.49
C ARG B 24 -11.90 5.20 2.26
N GLU B 25 -12.55 5.66 3.33
CA GLU B 25 -13.53 6.75 3.15
C GLU B 25 -12.86 8.01 2.63
N ASP B 26 -11.68 8.35 3.17
CA ASP B 26 -10.97 9.53 2.72
C ASP B 26 -10.65 9.47 1.23
N GLY B 27 -10.11 8.33 0.77
CA GLY B 27 -9.80 8.19 -0.64
C GLY B 27 -11.02 8.17 -1.54
N GLU B 28 -12.13 7.60 -1.05
CA GLU B 28 -13.36 7.59 -1.83
C GLU B 28 -13.86 9.01 -2.06
N LYS B 29 -13.88 9.83 -1.01
CA LYS B 29 -14.28 11.23 -1.21
C LYS B 29 -13.24 11.99 -2.03
N ALA B 30 -11.97 11.57 -1.98
CA ALA B 30 -10.93 12.26 -2.72
C ALA B 30 -11.08 12.08 -4.22
N ALA B 31 -11.30 10.85 -4.68
CA ALA B 31 -11.06 10.50 -6.09
C ALA B 31 -11.97 11.20 -7.08
N ARG B 32 -12.88 12.07 -6.65
CA ARG B 32 -13.79 12.74 -7.59
C ARG B 32 -13.27 14.07 -8.13
N GLU B 33 -12.57 14.85 -7.31
CA GLU B 33 -12.19 16.22 -7.70
C GLU B 33 -11.21 16.19 -8.86
N VAL B 34 -11.39 17.12 -9.80
CA VAL B 34 -10.56 17.17 -11.01
C VAL B 34 -9.66 18.40 -10.96
N LYS B 35 -8.73 18.48 -11.91
CA LYS B 35 -7.61 19.41 -11.83
C LYS B 35 -7.42 20.21 -13.11
N LEU B 36 -7.21 21.52 -12.92
CA LEU B 36 -7.01 22.49 -14.00
C LEU B 36 -5.78 23.32 -13.68
N LEU B 37 -4.77 23.23 -14.56
CA LEU B 37 -3.55 24.02 -14.43
C LEU B 37 -3.73 25.29 -15.25
N LEU B 38 -3.98 26.41 -14.57
CA LEU B 38 -4.17 27.70 -15.22
C LEU B 38 -2.82 28.28 -15.60
N LEU B 39 -2.68 28.72 -16.85
CA LEU B 39 -1.48 29.42 -17.27
C LEU B 39 -1.89 30.62 -18.10
N GLY B 40 -1.14 31.72 -17.94
CA GLY B 40 -1.41 32.94 -18.67
C GLY B 40 -0.98 34.18 -17.92
N GLY B 45 -7.42 34.90 -22.02
CA GLY B 45 -8.74 34.92 -21.40
C GLY B 45 -8.73 34.49 -19.95
N LYS B 46 -7.52 34.35 -19.39
CA LYS B 46 -7.39 33.90 -18.00
C LYS B 46 -7.84 34.98 -17.02
N SER B 47 -7.89 36.24 -17.47
CA SER B 47 -8.26 37.33 -16.56
C SER B 47 -9.65 37.13 -15.98
N THR B 48 -10.64 36.88 -16.83
CA THR B 48 -11.98 36.55 -16.36
C THR B 48 -12.09 35.14 -15.82
N ILE B 49 -11.18 34.25 -16.21
CA ILE B 49 -11.20 32.87 -15.72
C ILE B 49 -10.89 32.82 -14.23
N VAL B 50 -9.84 33.52 -13.80
CA VAL B 50 -9.39 33.46 -12.42
C VAL B 50 -10.44 34.00 -11.46
N LYS B 51 -11.39 34.79 -11.96
CA LYS B 51 -12.42 35.37 -11.12
C LYS B 51 -13.82 34.79 -11.37
N GLN B 52 -14.00 34.02 -12.44
CA GLN B 52 -15.26 33.30 -12.64
C GLN B 52 -15.16 31.83 -12.29
N MET B 53 -13.94 31.30 -12.14
CA MET B 53 -13.75 29.91 -11.76
C MET B 53 -12.33 29.69 -11.25
N THR B 182 4.26 35.13 -3.65
CA THR B 182 5.24 34.15 -3.20
C THR B 182 4.78 32.73 -3.53
N GLY B 183 5.39 32.15 -4.56
CA GLY B 183 5.05 30.79 -4.95
C GLY B 183 3.94 30.74 -5.99
N ILE B 184 3.08 29.73 -5.85
CA ILE B 184 1.99 29.47 -6.78
C ILE B 184 0.72 29.28 -5.97
N VAL B 185 -0.42 29.47 -6.64
CA VAL B 185 -1.71 29.61 -5.95
C VAL B 185 -2.57 28.39 -6.20
N GLU B 186 -2.95 27.69 -5.13
CA GLU B 186 -3.87 26.56 -5.21
C GLU B 186 -5.25 27.03 -4.76
N THR B 187 -6.26 26.80 -5.61
CA THR B 187 -7.62 27.28 -5.36
C THR B 187 -8.62 26.18 -5.63
N HIS B 188 -9.78 26.26 -4.97
CA HIS B 188 -10.78 25.20 -5.00
C HIS B 188 -12.15 25.82 -5.28
N PHE B 189 -12.88 25.24 -6.24
CA PHE B 189 -14.21 25.74 -6.57
C PHE B 189 -15.06 24.56 -7.03
N THR B 190 -16.31 24.86 -7.42
CA THR B 190 -17.23 23.87 -7.95
C THR B 190 -17.85 24.39 -9.24
N PHE B 191 -18.46 23.47 -10.00
CA PHE B 191 -19.29 23.85 -11.13
C PHE B 191 -20.06 22.63 -11.61
N LYS B 192 -21.36 22.81 -11.84
CA LYS B 192 -22.22 21.76 -12.40
C LYS B 192 -22.07 20.44 -11.67
N ASP B 193 -22.08 20.51 -10.33
CA ASP B 193 -22.02 19.34 -9.45
C ASP B 193 -20.71 18.57 -9.59
N LEU B 194 -19.64 19.21 -10.07
CA LEU B 194 -18.33 18.61 -10.16
C LEU B 194 -17.30 19.57 -9.57
N HIS B 195 -16.39 19.03 -8.77
CA HIS B 195 -15.53 19.83 -7.91
C HIS B 195 -14.17 20.01 -8.56
N PHE B 196 -13.77 21.26 -8.78
CA PHE B 196 -12.58 21.62 -9.51
C PHE B 196 -11.51 22.17 -8.57
N LYS B 197 -10.25 21.87 -8.88
CA LYS B 197 -9.11 22.51 -8.24
C LYS B 197 -8.28 23.15 -9.35
N MET B 198 -7.97 24.43 -9.20
CA MET B 198 -7.19 25.17 -10.17
C MET B 198 -5.89 25.65 -9.55
N PHE B 199 -4.79 25.43 -10.26
CA PHE B 199 -3.45 25.79 -9.80
C PHE B 199 -2.89 26.84 -10.73
N ASP B 200 -2.49 27.97 -10.16
CA ASP B 200 -2.04 29.14 -10.91
C ASP B 200 -0.53 29.27 -10.72
N VAL B 201 0.21 29.19 -11.83
CA VAL B 201 1.67 29.27 -11.84
C VAL B 201 2.07 30.41 -12.77
N GLY B 202 1.24 31.46 -12.84
CA GLY B 202 1.40 32.52 -13.82
C GLY B 202 2.72 33.26 -13.75
N ALA B 203 3.59 32.93 -12.79
CA ALA B 203 4.93 33.50 -12.71
C ALA B 203 6.01 32.53 -13.15
N GLN B 204 5.64 31.31 -13.55
CA GLN B 204 6.62 30.28 -13.92
C GLN B 204 6.87 30.36 -15.42
N ARG B 205 7.88 31.17 -15.78
CA ARG B 205 8.28 31.37 -17.16
C ARG B 205 9.65 30.76 -17.47
N SER B 206 10.12 29.84 -16.63
CA SER B 206 11.41 29.20 -16.79
C SER B 206 11.21 27.70 -16.98
N GLU B 207 12.32 26.96 -17.00
CA GLU B 207 12.27 25.51 -17.19
C GLU B 207 11.86 24.83 -15.90
N ARG B 208 10.95 23.86 -16.02
CA ARG B 208 10.37 23.18 -14.87
C ARG B 208 11.18 21.94 -14.53
N LYS B 209 11.70 21.88 -13.30
CA LYS B 209 12.44 20.73 -12.82
C LYS B 209 11.54 19.76 -12.05
N LYS B 210 10.91 20.23 -10.99
CA LYS B 210 9.91 19.45 -10.27
C LYS B 210 8.52 20.07 -10.30
N TRP B 211 8.32 21.13 -11.07
CA TRP B 211 6.95 21.52 -11.39
C TRP B 211 6.32 20.52 -12.36
N ILE B 212 7.04 20.19 -13.43
CA ILE B 212 6.47 19.41 -14.52
C ILE B 212 6.45 17.93 -14.17
N HIS B 213 7.33 17.49 -13.27
CA HIS B 213 7.30 16.10 -12.83
C HIS B 213 6.12 15.85 -11.90
N CYS B 214 5.82 16.82 -11.03
CA CYS B 214 4.68 16.67 -10.14
C CYS B 214 3.36 17.05 -10.80
N PHE B 215 3.40 17.64 -11.99
CA PHE B 215 2.18 18.01 -12.70
C PHE B 215 1.66 16.92 -13.62
N GLU B 216 2.25 15.73 -13.61
CA GLU B 216 1.73 14.64 -14.41
C GLU B 216 0.26 14.39 -14.04
N GLY B 217 -0.07 14.52 -12.76
CA GLY B 217 -1.43 14.28 -12.32
C GLY B 217 -2.33 15.49 -12.47
N VAL B 218 -2.68 15.83 -13.72
CA VAL B 218 -3.64 16.89 -14.00
C VAL B 218 -4.48 16.45 -15.19
N THR B 219 -5.76 16.80 -15.16
CA THR B 219 -6.67 16.40 -16.21
C THR B 219 -6.93 17.48 -17.25
N ALA B 220 -6.56 18.73 -16.97
CA ALA B 220 -6.63 19.74 -18.03
C ALA B 220 -5.66 20.89 -17.76
N ILE B 221 -4.93 21.29 -18.80
CA ILE B 221 -4.03 22.44 -18.75
C ILE B 221 -4.70 23.59 -19.50
N ILE B 222 -5.23 24.56 -18.77
CA ILE B 222 -5.86 25.73 -19.37
C ILE B 222 -4.77 26.72 -19.76
N PHE B 223 -4.78 27.15 -21.02
CA PHE B 223 -3.76 28.04 -21.57
C PHE B 223 -4.42 29.30 -22.10
N CYS B 224 -3.84 30.45 -21.75
CA CYS B 224 -4.34 31.73 -22.22
C CYS B 224 -3.18 32.68 -22.54
N ASN B 256 8.78 18.29 -24.36
CA ASN B 256 9.28 17.84 -23.08
C ASN B 256 8.98 16.36 -22.85
N LYS B 257 9.46 15.81 -21.74
CA LYS B 257 9.30 14.40 -21.43
C LYS B 257 7.98 14.07 -20.76
N TRP B 258 7.18 15.08 -20.39
CA TRP B 258 5.95 14.84 -19.66
C TRP B 258 4.70 15.19 -20.45
N PHE B 259 4.58 16.43 -20.93
CA PHE B 259 3.37 16.91 -21.58
C PHE B 259 3.51 16.80 -23.09
N THR B 260 3.55 15.56 -23.59
CA THR B 260 3.32 15.29 -25.00
C THR B 260 1.99 14.58 -25.22
N ASP B 261 1.17 14.44 -24.18
CA ASP B 261 -0.09 13.72 -24.25
C ASP B 261 -1.22 14.43 -23.52
N THR B 262 -0.96 15.59 -22.92
CA THR B 262 -1.94 16.29 -22.11
C THR B 262 -2.71 17.27 -22.99
N SER B 263 -4.04 17.12 -23.01
CA SER B 263 -4.88 18.01 -23.81
C SER B 263 -4.71 19.46 -23.36
N ILE B 264 -4.47 20.35 -24.31
CA ILE B 264 -4.20 21.76 -24.03
C ILE B 264 -5.39 22.56 -24.55
N ILE B 265 -6.35 22.84 -23.67
CA ILE B 265 -7.42 23.77 -24.00
C ILE B 265 -6.86 25.18 -24.06
N LEU B 266 -7.31 25.96 -25.05
CA LEU B 266 -6.73 27.27 -25.33
C LEU B 266 -7.84 28.29 -25.54
N PHE B 267 -7.75 29.42 -24.85
CA PHE B 267 -8.64 30.55 -25.04
C PHE B 267 -7.91 31.65 -25.80
N LEU B 268 -8.67 32.42 -26.58
CA LEU B 268 -8.14 33.57 -27.30
C LEU B 268 -9.11 34.74 -27.17
N ASN B 269 -8.55 35.95 -27.18
CA ASN B 269 -9.31 37.18 -27.01
C ASN B 269 -10.13 37.15 -25.72
N THR B 316 -2.81 13.14 -30.30
CA THR B 316 -2.63 12.86 -28.89
C THR B 316 -2.89 14.10 -28.05
N LYS B 317 -2.05 15.13 -28.25
CA LYS B 317 -2.17 16.39 -27.52
C LYS B 317 -3.19 17.29 -28.25
N GLU B 318 -4.45 16.91 -28.13
CA GLU B 318 -5.53 17.67 -28.74
C GLU B 318 -5.60 19.06 -28.15
N ILE B 319 -5.85 20.06 -29.00
CA ILE B 319 -5.87 21.46 -28.61
C ILE B 319 -7.13 22.11 -29.16
N TYR B 320 -7.89 22.75 -28.28
CA TYR B 320 -9.14 23.40 -28.65
C TYR B 320 -8.97 24.92 -28.74
N THR B 321 -10.00 25.57 -29.28
CA THR B 321 -10.07 27.01 -29.36
C THR B 321 -11.50 27.45 -29.11
N HIS B 322 -11.67 28.48 -28.29
CA HIS B 322 -13.00 28.99 -27.97
C HIS B 322 -12.95 30.51 -27.92
N PHE B 323 -14.09 31.13 -28.22
CA PHE B 323 -14.22 32.58 -28.24
C PHE B 323 -15.39 33.00 -27.38
N THR B 324 -15.22 34.08 -26.63
CA THR B 324 -16.29 34.65 -25.81
C THR B 324 -16.40 36.15 -26.02
N THR B 327 -21.87 38.12 -18.12
CA THR B 327 -22.21 37.93 -19.53
C THR B 327 -21.54 36.68 -20.10
N ASP B 328 -20.21 36.68 -20.11
CA ASP B 328 -19.45 35.57 -20.67
C ASP B 328 -19.26 34.46 -19.63
N THR B 329 -20.34 33.76 -19.33
CA THR B 329 -20.24 32.54 -18.54
C THR B 329 -19.62 31.40 -19.34
N LYS B 330 -19.55 31.55 -20.65
CA LYS B 330 -18.93 30.52 -21.51
C LYS B 330 -17.53 30.18 -21.04
N ASN B 331 -16.79 31.19 -20.57
CA ASN B 331 -15.44 31.02 -20.03
C ASN B 331 -15.36 29.78 -19.15
N VAL B 332 -16.40 29.53 -18.37
CA VAL B 332 -16.44 28.34 -17.54
C VAL B 332 -17.04 27.15 -18.29
N GLN B 333 -18.19 27.35 -18.93
CA GLN B 333 -18.88 26.26 -19.62
C GLN B 333 -17.97 25.56 -20.59
N PHE B 334 -17.29 26.34 -21.45
CA PHE B 334 -16.33 25.78 -22.40
C PHE B 334 -15.43 24.75 -21.73
N VAL B 335 -14.67 25.17 -20.71
CA VAL B 335 -13.69 24.27 -20.14
C VAL B 335 -14.38 23.06 -19.52
N PHE B 336 -15.58 23.27 -18.97
CA PHE B 336 -16.34 22.16 -18.41
C PHE B 336 -16.49 21.06 -19.44
N ASP B 337 -16.89 21.42 -20.66
CA ASP B 337 -17.04 20.43 -21.72
C ASP B 337 -15.73 19.67 -21.90
N ALA B 338 -14.62 20.40 -22.03
CA ALA B 338 -13.32 19.75 -22.21
C ALA B 338 -13.08 18.73 -21.13
N VAL B 339 -13.44 19.06 -19.88
CA VAL B 339 -13.28 18.14 -18.77
C VAL B 339 -13.87 16.78 -19.13
N THR B 340 -15.17 16.78 -19.45
CA THR B 340 -15.81 15.51 -19.80
C THR B 340 -15.03 14.81 -20.90
N ASP B 341 -14.70 15.54 -21.96
CA ASP B 341 -14.00 14.92 -23.08
C ASP B 341 -12.69 14.30 -22.60
N VAL B 342 -11.89 15.06 -21.85
CA VAL B 342 -10.54 14.59 -21.54
C VAL B 342 -10.61 13.39 -20.61
N ILE B 343 -11.81 13.10 -20.09
CA ILE B 343 -11.97 11.89 -19.29
C ILE B 343 -12.46 10.74 -20.16
N ILE B 344 -13.44 11.01 -21.03
CA ILE B 344 -14.17 9.93 -21.69
C ILE B 344 -13.22 9.04 -22.47
N LYS B 345 -12.40 9.64 -23.33
CA LYS B 345 -11.46 8.85 -24.13
C LYS B 345 -10.61 7.96 -23.24
N ASN B 346 -10.12 8.51 -22.12
CA ASN B 346 -9.30 7.72 -21.22
C ASN B 346 -10.00 6.43 -20.84
N ASN B 347 -11.26 6.54 -20.41
CA ASN B 347 -11.98 5.34 -19.99
C ASN B 347 -12.19 4.38 -21.14
N LEU B 348 -12.39 4.91 -22.35
CA LEU B 348 -12.48 4.03 -23.51
C LEU B 348 -11.19 3.26 -23.73
N LYS B 349 -10.04 3.93 -23.49
CA LYS B 349 -8.76 3.24 -23.61
C LYS B 349 -8.68 2.06 -22.65
N ASP B 350 -9.49 2.09 -21.58
CA ASP B 350 -9.50 0.99 -20.64
C ASP B 350 -10.29 -0.19 -21.19
N CYS B 351 -11.39 0.08 -21.91
CA CYS B 351 -12.31 -0.96 -22.31
C CYS B 351 -12.03 -1.50 -23.72
N GLY B 352 -10.88 -1.19 -24.28
CA GLY B 352 -10.55 -1.67 -25.62
C GLY B 352 -11.53 -1.26 -26.69
N LEU B 353 -12.40 -0.29 -26.41
CA LEU B 353 -13.46 0.09 -27.31
C LEU B 353 -13.06 1.21 -28.26
N PHE B 354 -11.78 1.56 -28.31
CA PHE B 354 -11.33 2.68 -29.14
C PHE B 354 -9.83 2.52 -29.38
N LEU C 9 41.17 40.05 -14.98
CA LEU C 9 41.35 38.86 -14.15
C LEU C 9 42.12 37.79 -14.90
N ASP C 10 43.00 38.22 -15.81
CA ASP C 10 43.79 37.26 -16.58
C ASP C 10 44.71 36.45 -15.68
N GLN C 11 45.36 37.11 -14.72
CA GLN C 11 46.27 36.41 -13.82
C GLN C 11 45.52 35.38 -12.97
N LEU C 12 44.34 35.76 -12.46
CA LEU C 12 43.56 34.84 -11.65
C LEU C 12 43.13 33.62 -12.46
N ARG C 13 42.66 33.82 -13.69
CA ARG C 13 42.27 32.69 -14.53
C ARG C 13 43.46 31.81 -14.87
N GLN C 14 44.61 32.43 -15.17
CA GLN C 14 45.80 31.65 -15.48
C GLN C 14 46.24 30.81 -14.28
N GLU C 15 46.21 31.40 -13.08
CA GLU C 15 46.59 30.64 -11.90
C GLU C 15 45.57 29.55 -11.56
N ALA C 16 44.28 29.80 -11.85
CA ALA C 16 43.29 28.74 -11.70
C ALA C 16 43.56 27.58 -12.65
N GLU C 17 43.94 27.90 -13.89
CA GLU C 17 44.29 26.84 -14.83
C GLU C 17 45.54 26.09 -14.37
N GLN C 18 46.51 26.81 -13.81
CA GLN C 18 47.70 26.15 -13.27
C GLN C 18 47.34 25.22 -12.11
N LEU C 19 46.44 25.65 -11.23
CA LEU C 19 45.99 24.79 -10.14
C LEU C 19 45.24 23.57 -10.67
N LYS C 20 44.43 23.76 -11.72
CA LYS C 20 43.76 22.62 -12.34
C LYS C 20 44.77 21.64 -12.92
N ASN C 21 45.82 22.15 -13.57
CA ASN C 21 46.86 21.28 -14.10
C ASN C 21 47.59 20.53 -12.98
N GLN C 22 47.86 21.21 -11.87
CA GLN C 22 48.47 20.56 -10.73
C GLN C 22 47.58 19.45 -10.19
N ILE C 23 46.27 19.70 -10.11
CA ILE C 23 45.34 18.70 -9.62
C ILE C 23 45.34 17.49 -10.56
N ARG C 24 45.30 17.74 -11.87
CA ARG C 24 45.32 16.64 -12.83
C ARG C 24 46.61 15.83 -12.74
N ASP C 25 47.75 16.52 -12.59
CA ASP C 25 49.03 15.82 -12.48
C ASP C 25 49.09 14.97 -11.21
N ALA C 26 48.56 15.49 -10.10
CA ALA C 26 48.48 14.70 -8.88
C ALA C 26 47.55 13.51 -9.06
N ARG C 27 46.47 13.69 -9.81
CA ARG C 27 45.55 12.60 -10.10
C ARG C 27 46.23 11.49 -10.89
N LYS C 28 47.01 11.86 -11.91
CA LYS C 28 47.64 10.87 -12.77
C LYS C 28 48.68 10.03 -12.01
N ALA C 29 49.27 10.60 -10.96
CA ALA C 29 50.31 9.90 -10.21
C ALA C 29 49.76 8.84 -9.26
N CYS C 30 48.45 8.82 -9.03
CA CYS C 30 47.86 7.87 -8.09
C CYS C 30 46.76 7.03 -8.70
N ALA C 31 46.00 7.56 -9.65
CA ALA C 31 44.86 6.87 -10.24
C ALA C 31 45.42 5.84 -11.21
N ASP C 32 45.05 4.58 -11.01
CA ASP C 32 45.44 3.50 -11.91
C ASP C 32 44.24 2.72 -12.41
N ALA C 33 43.34 2.30 -11.53
CA ALA C 33 42.19 1.49 -11.90
C ALA C 33 41.01 1.87 -11.02
N THR C 34 39.96 1.05 -11.05
CA THR C 34 38.74 1.29 -10.29
C THR C 34 38.44 0.07 -9.42
N LEU C 35 37.37 0.19 -8.64
CA LEU C 35 36.90 -0.95 -7.84
C LEU C 35 36.45 -2.09 -8.73
N SER C 36 35.62 -1.80 -9.72
CA SER C 36 35.12 -2.85 -10.59
C SER C 36 36.19 -3.41 -11.53
N GLN C 37 37.44 -2.98 -11.38
CA GLN C 37 38.55 -3.53 -12.14
C GLN C 37 39.47 -4.42 -11.31
N ILE C 38 39.45 -4.29 -9.97
CA ILE C 38 40.27 -5.09 -9.09
C ILE C 38 39.43 -6.00 -8.19
N THR C 39 38.23 -5.53 -7.80
CA THR C 39 37.35 -6.32 -6.95
C THR C 39 36.74 -7.52 -7.68
N ASN C 40 37.11 -7.76 -8.94
CA ASN C 40 36.61 -8.92 -9.66
C ASN C 40 37.02 -10.24 -9.01
N ASN C 41 38.02 -10.21 -8.13
CA ASN C 41 38.49 -11.41 -7.45
C ASN C 41 37.50 -11.94 -6.43
N ILE C 42 36.51 -11.15 -6.03
CA ILE C 42 35.52 -11.61 -5.07
C ILE C 42 34.51 -12.50 -5.80
N ASP C 43 33.93 -13.43 -5.05
CA ASP C 43 32.98 -14.38 -5.63
C ASP C 43 31.69 -13.66 -6.02
N PRO C 44 31.30 -13.68 -7.29
CA PRO C 44 30.07 -12.99 -7.68
C PRO C 44 28.88 -13.57 -6.93
N VAL C 45 27.91 -12.70 -6.63
CA VAL C 45 26.71 -13.11 -5.93
C VAL C 45 25.83 -14.00 -6.80
N GLY C 46 25.99 -13.95 -8.12
CA GLY C 46 25.21 -14.81 -9.00
C GLY C 46 23.72 -14.46 -8.96
N ARG C 47 22.92 -15.45 -9.34
CA ARG C 47 21.47 -15.29 -9.30
C ARG C 47 20.99 -15.28 -7.86
N ILE C 48 20.37 -14.17 -7.44
CA ILE C 48 19.73 -14.06 -6.14
C ILE C 48 18.23 -13.96 -6.37
N GLN C 49 17.45 -14.62 -5.51
CA GLN C 49 16.01 -14.66 -5.65
C GLN C 49 15.38 -13.99 -4.42
N MET C 50 14.55 -12.99 -4.67
CA MET C 50 13.80 -12.31 -3.63
C MET C 50 12.32 -12.52 -3.86
N ARG C 51 11.54 -12.43 -2.80
CA ARG C 51 10.10 -12.66 -2.88
C ARG C 51 9.39 -11.78 -1.87
N THR C 52 8.15 -11.43 -2.19
CA THR C 52 7.37 -10.66 -1.25
C THR C 52 7.05 -11.50 -0.03
N ARG C 53 7.26 -10.90 1.13
CA ARG C 53 6.92 -11.53 2.41
C ARG C 53 5.70 -10.90 3.06
N ARG C 54 5.44 -9.63 2.82
CA ARG C 54 4.18 -8.98 3.13
C ARG C 54 3.83 -8.11 1.95
N THR C 55 2.69 -7.45 2.01
CA THR C 55 2.31 -6.47 1.01
C THR C 55 1.49 -5.40 1.71
N LEU C 56 2.08 -4.22 1.87
CA LEU C 56 1.49 -3.16 2.66
C LEU C 56 0.57 -2.34 1.76
N ARG C 57 -0.74 -2.46 2.00
CA ARG C 57 -1.75 -1.88 1.13
C ARG C 57 -2.52 -0.80 1.88
N GLY C 58 -3.00 0.19 1.12
CA GLY C 58 -3.74 1.29 1.70
C GLY C 58 -3.49 2.64 1.05
N HIS C 59 -2.33 2.84 0.44
CA HIS C 59 -2.08 4.07 -0.29
C HIS C 59 -2.91 4.03 -1.58
N LEU C 60 -3.46 5.18 -1.96
CA LEU C 60 -4.38 5.26 -3.09
C LEU C 60 -3.94 6.28 -4.13
N ALA C 61 -2.64 6.44 -4.32
CA ALA C 61 -2.08 7.38 -5.29
C ALA C 61 -0.61 7.02 -5.45
N LYS C 62 0.12 7.85 -6.18
CA LYS C 62 1.55 7.62 -6.36
C LYS C 62 2.29 7.84 -5.05
N ILE C 63 3.16 6.90 -4.69
CA ILE C 63 3.96 6.97 -3.48
C ILE C 63 5.31 7.55 -3.87
N TYR C 64 5.74 8.59 -3.15
CA TYR C 64 6.95 9.31 -3.56
C TYR C 64 8.16 9.12 -2.65
N ALA C 65 7.97 8.66 -1.42
CA ALA C 65 9.10 8.51 -0.51
C ALA C 65 8.70 7.60 0.65
N MET C 66 9.64 6.77 1.09
CA MET C 66 9.49 5.99 2.30
C MET C 66 10.76 6.13 3.13
N HIS C 67 10.68 5.72 4.40
CA HIS C 67 11.76 5.93 5.35
C HIS C 67 11.55 5.02 6.55
N TRP C 68 12.60 4.31 6.97
CA TRP C 68 12.51 3.39 8.10
C TRP C 68 12.76 4.09 9.44
N GLY C 69 12.08 3.57 10.47
CA GLY C 69 12.50 3.88 11.83
C GLY C 69 13.78 3.16 12.20
N THR C 70 14.39 3.58 13.30
CA THR C 70 15.67 3.00 13.69
C THR C 70 15.53 1.65 14.38
N ASP C 71 14.34 1.30 14.86
CA ASP C 71 14.13 -0.01 15.45
C ASP C 71 14.10 -1.12 14.41
N SER C 72 13.98 -0.77 13.13
CA SER C 72 13.89 -1.70 12.00
C SER C 72 12.57 -2.45 11.98
N ARG C 73 11.51 -1.82 12.51
CA ARG C 73 10.18 -2.44 12.51
C ARG C 73 9.07 -1.49 12.09
N LEU C 74 9.26 -0.18 12.20
CA LEU C 74 8.25 0.81 11.86
C LEU C 74 8.64 1.57 10.60
N LEU C 75 7.64 1.97 9.82
CA LEU C 75 7.89 2.62 8.53
C LEU C 75 6.98 3.81 8.22
N VAL C 76 7.58 4.92 7.78
CA VAL C 76 6.78 6.07 7.35
C VAL C 76 6.89 6.20 5.84
N SER C 77 5.78 6.59 5.21
CA SER C 77 5.74 6.74 3.76
C SER C 77 4.73 7.82 3.40
N ALA C 78 4.95 8.47 2.26
CA ALA C 78 4.09 9.56 1.80
C ALA C 78 3.62 9.32 0.38
N SER C 79 2.37 9.68 0.14
CA SER C 79 1.78 9.53 -1.19
C SER C 79 1.06 10.81 -1.58
N GLN C 80 0.95 11.02 -2.89
CA GLN C 80 0.43 12.28 -3.42
C GLN C 80 -1.06 12.49 -3.16
N ASP C 81 -1.72 11.58 -2.46
CA ASP C 81 -3.06 11.86 -1.98
C ASP C 81 -3.05 12.70 -0.71
N GLY C 82 -1.91 13.31 -0.43
CA GLY C 82 -1.72 14.15 0.73
C GLY C 82 -1.81 13.36 2.03
N LYS C 83 -1.07 12.26 2.11
CA LYS C 83 -1.23 11.34 3.24
C LYS C 83 0.12 10.76 3.61
N LEU C 84 0.30 10.52 4.91
CA LEU C 84 1.58 10.13 5.49
C LEU C 84 1.32 8.99 6.49
N ILE C 85 1.79 7.79 6.19
CA ILE C 85 1.37 6.58 6.89
C ILE C 85 2.57 5.96 7.63
N ILE C 86 2.33 5.53 8.87
CA ILE C 86 3.29 4.79 9.68
C ILE C 86 2.75 3.39 9.92
N TRP C 87 3.57 2.39 9.60
CA TRP C 87 3.25 0.98 9.43
C TRP C 87 4.05 0.13 10.41
N ASP C 88 3.41 -0.97 10.84
CA ASP C 88 4.10 -2.10 11.45
C ASP C 88 4.29 -3.16 10.38
N SER C 89 5.54 -3.41 9.99
CA SER C 89 5.80 -4.33 8.90
C SER C 89 5.76 -5.80 9.33
N TYR C 90 5.88 -6.09 10.63
CA TYR C 90 5.86 -7.47 11.08
C TYR C 90 4.48 -8.08 10.94
N THR C 91 3.44 -7.36 11.36
CA THR C 91 2.09 -7.91 11.40
C THR C 91 1.15 -7.23 10.41
N THR C 92 1.68 -6.43 9.48
CA THR C 92 0.91 -5.63 8.53
C THR C 92 -0.05 -4.66 9.23
N ASN C 93 0.23 -4.35 10.50
CA ASN C 93 -0.61 -3.45 11.26
C ASN C 93 -0.26 -1.99 10.94
N LYS C 94 -1.28 -1.16 10.76
CA LYS C 94 -1.10 0.27 10.62
C LYS C 94 -1.09 0.90 12.01
N VAL C 95 -0.07 1.70 12.28
CA VAL C 95 0.08 2.33 13.58
C VAL C 95 -0.43 3.77 13.57
N HIS C 96 0.02 4.60 12.61
CA HIS C 96 -0.40 6.00 12.56
C HIS C 96 -0.75 6.42 11.14
N ALA C 97 -1.61 7.43 11.02
CA ALA C 97 -1.97 8.04 9.74
C ALA C 97 -2.10 9.54 9.94
N ILE C 98 -1.33 10.32 9.19
CA ILE C 98 -1.27 11.77 9.32
C ILE C 98 -1.76 12.41 8.03
N PRO C 99 -2.83 13.25 8.09
CA PRO C 99 -3.24 14.02 6.92
C PRO C 99 -2.48 15.33 6.79
N LEU C 100 -1.91 15.58 5.61
CA LEU C 100 -0.91 16.62 5.45
C LEU C 100 -1.56 17.97 5.16
N ARG C 101 -0.72 19.00 5.03
CA ARG C 101 -1.20 20.35 4.82
C ARG C 101 -1.67 20.54 3.37
N SER C 102 -0.97 19.95 2.41
CA SER C 102 -1.37 19.99 1.02
C SER C 102 -0.81 18.76 0.32
N SER C 103 -1.28 18.55 -0.92
CA SER C 103 -0.99 17.30 -1.62
C SER C 103 0.46 17.23 -2.10
N TRP C 104 0.98 18.32 -2.67
CA TRP C 104 2.22 18.26 -3.44
C TRP C 104 3.43 18.15 -2.51
N VAL C 105 3.50 17.00 -1.84
CA VAL C 105 4.62 16.65 -0.97
C VAL C 105 5.67 15.93 -1.81
N MET C 106 6.92 16.01 -1.38
CA MET C 106 8.02 15.34 -2.09
C MET C 106 8.94 14.52 -1.21
N THR C 107 8.98 14.74 0.10
CA THR C 107 10.03 14.14 0.92
C THR C 107 9.46 13.73 2.28
N CYS C 108 10.19 12.82 2.93
CA CYS C 108 9.85 12.32 4.27
C CYS C 108 11.11 12.25 5.11
N ALA C 109 10.92 12.31 6.42
CA ALA C 109 11.98 12.00 7.37
C ALA C 109 11.34 11.38 8.61
N TYR C 110 12.18 10.69 9.38
CA TYR C 110 11.77 10.09 10.64
C TYR C 110 12.73 10.60 11.70
N ALA C 111 12.28 10.65 12.94
CA ALA C 111 13.22 11.10 13.97
C ALA C 111 13.93 9.90 14.59
N PRO C 112 15.27 9.86 14.58
CA PRO C 112 15.97 8.68 15.10
C PRO C 112 15.71 8.39 16.58
N SER C 113 14.95 9.23 17.27
CA SER C 113 14.45 8.90 18.60
C SER C 113 13.05 8.33 18.57
N GLY C 114 12.29 8.58 17.50
CA GLY C 114 10.95 8.04 17.36
C GLY C 114 9.83 8.98 17.72
N ASN C 115 10.11 10.23 18.02
CA ASN C 115 9.09 11.17 18.49
C ASN C 115 8.54 12.10 17.41
N TYR C 116 9.22 12.23 16.27
CA TYR C 116 8.89 13.27 15.30
C TYR C 116 8.99 12.77 13.87
N VAL C 117 8.18 13.36 13.00
CA VAL C 117 8.30 13.20 11.55
C VAL C 117 8.14 14.57 10.87
N ALA C 118 8.95 14.83 9.83
CA ALA C 118 8.92 16.11 9.13
C ALA C 118 8.78 15.92 7.63
N CYS C 119 7.88 16.70 7.01
CA CYS C 119 7.57 16.58 5.58
C CYS C 119 7.59 17.96 4.91
N GLY C 120 7.55 17.95 3.58
CA GLY C 120 7.57 19.20 2.84
C GLY C 120 7.30 19.02 1.35
N GLY C 121 7.32 20.15 0.64
CA GLY C 121 7.02 20.17 -0.79
C GLY C 121 7.01 21.53 -1.47
N LEU C 122 5.98 21.80 -2.28
CA LEU C 122 5.91 23.02 -3.10
C LEU C 122 5.53 24.26 -2.31
N ASP C 123 4.79 24.11 -1.21
CA ASP C 123 4.25 25.26 -0.49
C ASP C 123 5.29 26.04 0.30
N ASN C 124 6.57 25.68 0.15
CA ASN C 124 7.68 26.46 0.68
C ASN C 124 7.74 26.44 2.20
N ILE C 125 7.21 25.39 2.82
CA ILE C 125 7.15 25.26 4.27
C ILE C 125 7.53 23.83 4.63
N CYS C 126 8.38 23.67 5.64
CA CYS C 126 8.74 22.37 6.16
C CYS C 126 7.99 22.12 7.47
N SER C 127 7.11 21.13 7.47
CA SER C 127 6.26 20.84 8.62
C SER C 127 6.89 19.76 9.49
N ILE C 128 6.67 19.88 10.80
CA ILE C 128 7.24 18.99 11.81
C ILE C 128 6.15 18.58 12.79
N TYR C 129 6.00 17.27 12.99
CA TYR C 129 4.90 16.65 13.74
C TYR C 129 5.47 15.84 14.89
N ASN C 130 4.85 15.97 16.06
CA ASN C 130 5.23 15.26 17.27
C ASN C 130 4.37 14.01 17.44
N LEU C 131 5.02 12.87 17.69
CA LEU C 131 4.30 11.61 17.76
C LEU C 131 3.87 11.25 19.18
N LYS C 132 4.79 11.33 20.13
CA LYS C 132 4.58 10.82 21.49
C LYS C 132 4.21 11.99 22.40
N THR C 133 2.94 12.37 22.38
CA THR C 133 2.40 13.40 23.25
C THR C 133 1.44 12.78 24.26
N ARG C 134 1.09 13.57 25.28
CA ARG C 134 0.24 13.07 26.35
C ARG C 134 -1.23 13.14 25.98
N GLU C 135 -1.59 13.84 24.90
CA GLU C 135 -2.99 13.91 24.49
C GLU C 135 -3.45 12.68 23.73
N GLY C 136 -2.52 11.78 23.36
CA GLY C 136 -2.88 10.59 22.63
C GLY C 136 -3.33 10.82 21.20
N ASN C 137 -2.70 11.76 20.51
CA ASN C 137 -2.96 12.01 19.09
C ASN C 137 -1.91 13.00 18.60
N VAL C 138 -1.61 12.93 17.30
CA VAL C 138 -0.53 13.69 16.69
C VAL C 138 -1.03 15.07 16.32
N ARG C 139 -0.14 16.06 16.39
CA ARG C 139 -0.46 17.42 16.00
C ARG C 139 0.78 18.06 15.40
N VAL C 140 0.57 19.11 14.62
CA VAL C 140 1.69 19.82 14.02
C VAL C 140 2.44 20.57 15.11
N SER C 141 3.75 20.35 15.19
CA SER C 141 4.57 21.02 16.18
C SER C 141 5.24 22.27 15.64
N ARG C 142 5.63 22.28 14.37
CA ARG C 142 6.32 23.44 13.83
C ARG C 142 6.11 23.55 12.33
N GLU C 143 6.25 24.77 11.82
CA GLU C 143 6.23 25.05 10.38
C GLU C 143 7.35 26.02 10.08
N LEU C 144 8.43 25.52 9.47
CA LEU C 144 9.56 26.35 9.10
C LEU C 144 9.29 27.01 7.76
N ALA C 145 9.35 28.34 7.72
CA ALA C 145 9.08 29.13 6.54
C ALA C 145 10.21 30.12 6.30
N GLY C 146 10.39 30.49 5.04
CA GLY C 146 11.46 31.39 4.67
C GLY C 146 12.08 31.09 3.32
N HIS C 147 11.99 29.83 2.88
CA HIS C 147 12.33 29.50 1.51
C HIS C 147 11.27 30.03 0.56
N THR C 148 11.67 30.29 -0.68
CA THR C 148 10.76 30.75 -1.72
C THR C 148 10.40 29.69 -2.74
N GLY C 149 11.34 28.80 -3.08
CA GLY C 149 11.06 27.72 -4.00
C GLY C 149 10.71 26.42 -3.28
N TYR C 150 10.25 25.46 -4.08
CA TYR C 150 9.76 24.20 -3.54
C TYR C 150 10.85 23.43 -2.80
N LEU C 151 10.43 22.71 -1.75
CA LEU C 151 11.34 21.97 -0.90
C LEU C 151 11.53 20.55 -1.42
N SER C 152 12.79 20.11 -1.44
CA SER C 152 13.18 18.83 -2.05
C SER C 152 13.37 17.72 -1.03
N CYS C 153 14.25 17.92 -0.04
CA CYS C 153 14.64 16.86 0.89
C CYS C 153 14.83 17.44 2.29
N CYS C 154 14.64 16.59 3.30
CA CYS C 154 14.75 16.97 4.70
C CYS C 154 15.15 15.76 5.54
N ARG C 155 16.14 15.95 6.41
CA ARG C 155 16.65 14.88 7.29
C ARG C 155 16.95 15.48 8.66
N PHE C 156 16.30 14.94 9.70
CA PHE C 156 16.60 15.34 11.07
C PHE C 156 18.07 15.11 11.39
N LEU C 157 18.66 16.05 12.16
CA LEU C 157 19.96 15.81 12.78
C LEU C 157 19.81 15.23 14.18
N ASP C 158 18.89 15.78 14.97
CA ASP C 158 18.49 15.25 16.27
C ASP C 158 17.11 15.83 16.55
N ASP C 159 16.69 15.75 17.82
CA ASP C 159 15.41 16.33 18.21
C ASP C 159 15.35 17.85 18.10
N ASN C 160 16.43 18.53 17.72
CA ASN C 160 16.46 19.98 17.77
C ASN C 160 17.01 20.67 16.53
N GLN C 161 17.53 19.94 15.54
CA GLN C 161 18.09 20.54 14.34
C GLN C 161 17.61 19.79 13.10
N ILE C 162 17.37 20.52 12.01
CA ILE C 162 16.96 19.92 10.75
C ILE C 162 17.67 20.63 9.60
N VAL C 163 17.65 20.00 8.43
CA VAL C 163 18.32 20.50 7.23
C VAL C 163 17.41 20.28 6.04
N THR C 164 17.27 21.32 5.20
CA THR C 164 16.46 21.21 4.01
C THR C 164 17.17 21.84 2.82
N SER C 165 16.67 21.53 1.63
CA SER C 165 17.11 22.12 0.38
C SER C 165 15.89 22.40 -0.48
N SER C 166 15.99 23.36 -1.39
CA SER C 166 14.78 23.80 -2.08
C SER C 166 15.10 24.32 -3.48
N GLY C 167 14.03 24.66 -4.20
CA GLY C 167 14.13 25.25 -5.52
C GLY C 167 14.77 26.63 -5.55
N ASP C 168 14.94 27.25 -4.39
CA ASP C 168 15.70 28.49 -4.24
C ASP C 168 17.15 28.34 -4.71
N THR C 169 17.55 27.12 -5.05
CA THR C 169 18.94 26.78 -5.34
C THR C 169 19.82 26.96 -4.11
N THR C 170 19.23 26.76 -2.93
CA THR C 170 19.93 26.95 -1.66
C THR C 170 19.54 25.85 -0.70
N CYS C 171 20.36 25.69 0.33
CA CYS C 171 20.08 24.78 1.43
C CYS C 171 20.07 25.57 2.73
N ALA C 172 19.41 25.03 3.74
CA ALA C 172 19.28 25.75 5.00
C ALA C 172 19.30 24.80 6.19
N LEU C 173 20.09 25.15 7.20
CA LEU C 173 20.13 24.44 8.46
C LEU C 173 19.32 25.23 9.49
N TRP C 174 18.37 24.55 10.13
CA TRP C 174 17.31 25.16 10.91
C TRP C 174 17.33 24.63 12.34
N ASP C 175 16.92 25.49 13.27
CA ASP C 175 16.71 25.14 14.67
C ASP C 175 15.21 25.20 14.93
N ILE C 176 14.65 24.09 15.42
CA ILE C 176 13.21 23.92 15.40
C ILE C 176 12.53 24.83 16.42
N GLU C 177 13.08 24.92 17.64
CA GLU C 177 12.44 25.71 18.66
C GLU C 177 12.44 27.20 18.33
N THR C 178 13.58 27.73 17.86
CA THR C 178 13.66 29.14 17.53
C THR C 178 12.72 29.50 16.40
N GLY C 179 12.67 28.68 15.36
CA GLY C 179 11.86 28.96 14.19
C GLY C 179 12.56 29.74 13.10
N GLN C 180 13.83 30.06 13.28
CA GLN C 180 14.59 30.88 12.34
C GLN C 180 15.79 30.10 11.81
N GLN C 181 16.16 30.39 10.57
CA GLN C 181 17.34 29.78 9.98
C GLN C 181 18.58 30.12 10.79
N THR C 182 19.39 29.11 11.06
CA THR C 182 20.67 29.31 11.72
C THR C 182 21.86 29.13 10.79
N THR C 183 21.66 28.54 9.61
CA THR C 183 22.71 28.52 8.61
C THR C 183 22.07 28.46 7.24
N THR C 184 22.72 29.07 6.24
CA THR C 184 22.24 29.07 4.88
C THR C 184 23.40 28.74 3.95
N PHE C 185 23.08 28.12 2.81
CA PHE C 185 24.08 27.59 1.89
C PHE C 185 23.66 27.97 0.47
N THR C 186 24.51 28.77 -0.19
CA THR C 186 24.26 29.29 -1.52
C THR C 186 25.38 28.87 -2.45
N GLY C 187 25.09 28.86 -3.75
CA GLY C 187 26.11 28.49 -4.72
C GLY C 187 25.66 27.59 -5.85
N HIS C 188 24.36 27.31 -5.93
CA HIS C 188 23.83 26.47 -7.00
C HIS C 188 23.15 27.33 -8.05
N THR C 189 23.50 27.08 -9.32
CA THR C 189 22.87 27.78 -10.43
C THR C 189 21.55 27.12 -10.86
N GLY C 190 21.32 25.87 -10.45
CA GLY C 190 20.10 25.17 -10.78
C GLY C 190 19.41 24.65 -9.53
N ASP C 191 18.21 24.11 -9.73
CA ASP C 191 17.41 23.62 -8.62
C ASP C 191 18.07 22.39 -7.99
N VAL C 192 18.04 22.33 -6.66
CA VAL C 192 18.59 21.19 -5.93
C VAL C 192 17.48 20.19 -5.67
N MET C 193 17.79 18.89 -5.83
CA MET C 193 16.78 17.85 -5.91
C MET C 193 16.74 16.93 -4.69
N SER C 194 17.88 16.67 -4.08
CA SER C 194 17.95 15.77 -2.94
C SER C 194 19.26 16.00 -2.21
N LEU C 195 19.31 15.52 -0.98
CA LEU C 195 20.57 15.50 -0.24
C LEU C 195 20.54 14.34 0.74
N SER C 196 21.72 13.97 1.24
CA SER C 196 21.88 12.74 2.01
C SER C 196 22.56 13.04 3.33
N LEU C 197 21.99 12.50 4.40
CA LEU C 197 22.55 12.60 5.75
C LEU C 197 23.62 11.55 5.97
N ALA C 198 24.77 11.97 6.49
CA ALA C 198 25.85 11.04 6.76
C ALA C 198 25.54 10.22 8.01
N PRO C 199 26.21 9.09 8.20
CA PRO C 199 25.99 8.31 9.43
C PRO C 199 26.24 9.07 10.72
N ASP C 200 27.29 9.90 10.76
CA ASP C 200 27.68 10.62 11.96
C ASP C 200 27.01 11.99 12.06
N THR C 201 26.25 12.40 11.04
CA THR C 201 25.52 13.66 11.04
C THR C 201 26.45 14.87 11.22
N ARG C 202 27.48 14.91 10.37
CA ARG C 202 28.39 16.06 10.33
C ARG C 202 28.75 16.51 8.92
N LEU C 203 28.22 15.88 7.87
CA LEU C 203 28.50 16.26 6.49
C LEU C 203 27.29 15.91 5.64
N PHE C 204 27.02 16.73 4.62
CA PHE C 204 25.89 16.52 3.74
C PHE C 204 26.35 16.57 2.29
N VAL C 205 25.64 15.84 1.44
CA VAL C 205 25.88 15.84 0.00
C VAL C 205 24.57 16.19 -0.70
N SER C 206 24.59 17.19 -1.58
CA SER C 206 23.38 17.72 -2.19
C SER C 206 23.55 17.87 -3.68
N GLY C 207 22.71 17.18 -4.45
CA GLY C 207 22.77 17.23 -5.90
C GLY C 207 21.70 18.14 -6.48
N ALA C 208 22.03 18.78 -7.60
CA ALA C 208 21.17 19.81 -8.17
C ALA C 208 21.06 19.65 -9.68
N CYS C 209 20.02 20.25 -10.25
CA CYS C 209 19.78 20.15 -11.68
C CYS C 209 20.75 21.04 -12.46
N ASP C 210 22.05 20.79 -12.28
CA ASP C 210 23.07 21.43 -13.08
C ASP C 210 24.15 20.38 -13.36
N ALA C 211 23.76 19.10 -13.31
CA ALA C 211 24.68 17.97 -13.48
C ALA C 211 25.84 18.04 -12.50
N SER C 212 25.54 18.37 -11.25
CA SER C 212 26.56 18.45 -10.23
C SER C 212 25.95 18.26 -8.85
N ALA C 213 26.82 17.94 -7.89
CA ALA C 213 26.49 17.83 -6.48
C ALA C 213 27.55 18.58 -5.68
N LYS C 214 27.26 18.85 -4.41
CA LYS C 214 28.17 19.59 -3.56
C LYS C 214 28.20 19.02 -2.15
N LEU C 215 29.37 19.10 -1.51
CA LEU C 215 29.56 18.67 -0.14
C LEU C 215 29.50 19.87 0.80
N TRP C 216 28.74 19.74 1.88
CA TRP C 216 28.47 20.82 2.81
C TRP C 216 28.74 20.37 4.23
N ASP C 217 29.14 21.31 5.09
CA ASP C 217 29.32 21.06 6.51
C ASP C 217 28.46 22.05 7.29
N VAL C 218 27.70 21.53 8.26
CA VAL C 218 26.75 22.36 8.98
C VAL C 218 27.45 23.45 9.78
N ARG C 219 28.53 23.09 10.49
CA ARG C 219 29.19 24.04 11.38
C ARG C 219 30.01 25.09 10.66
N GLU C 220 30.21 24.95 9.35
CA GLU C 220 31.07 25.86 8.59
C GLU C 220 30.30 26.75 7.64
N GLY C 221 29.21 26.27 7.06
CA GLY C 221 28.48 27.06 6.09
C GLY C 221 29.24 27.32 4.81
N MET C 222 30.18 26.45 4.46
CA MET C 222 31.01 26.62 3.27
C MET C 222 31.39 25.25 2.73
N CYS C 223 31.19 25.06 1.42
CA CYS C 223 31.40 23.76 0.79
C CYS C 223 32.88 23.42 0.71
N ARG C 224 33.16 22.12 0.69
CA ARG C 224 34.52 21.64 0.43
C ARG C 224 34.77 21.20 -1.00
N GLN C 225 33.78 20.61 -1.68
CA GLN C 225 34.02 20.12 -3.03
C GLN C 225 32.69 20.03 -3.78
N THR C 226 32.80 20.03 -5.11
CA THR C 226 31.70 19.83 -6.03
C THR C 226 32.04 18.67 -6.95
N PHE C 227 31.03 17.87 -7.30
CA PHE C 227 31.18 16.66 -8.07
C PHE C 227 30.41 16.81 -9.37
N THR C 228 31.09 16.52 -10.49
CA THR C 228 30.52 16.68 -11.82
C THR C 228 30.98 15.53 -12.71
N GLY C 229 30.26 15.36 -13.82
CA GLY C 229 30.57 14.30 -14.77
C GLY C 229 29.34 13.69 -15.41
N HIS C 230 28.18 13.87 -14.78
CA HIS C 230 26.92 13.46 -15.38
C HIS C 230 26.55 14.41 -16.53
N GLU C 231 25.41 14.12 -17.16
CA GLU C 231 24.98 14.89 -18.31
C GLU C 231 23.63 15.58 -18.12
N SER C 232 22.88 15.22 -17.09
CA SER C 232 21.52 15.70 -16.95
C SER C 232 21.18 15.80 -15.46
N ASP C 233 19.89 15.91 -15.14
CA ASP C 233 19.43 16.06 -13.77
C ASP C 233 19.95 14.94 -12.89
N ILE C 234 19.98 15.20 -11.59
CA ILE C 234 20.38 14.25 -10.57
C ILE C 234 19.19 14.06 -9.64
N ASN C 235 18.51 12.92 -9.75
CA ASN C 235 17.30 12.69 -8.96
C ASN C 235 17.53 11.85 -7.73
N ALA C 236 18.67 11.17 -7.61
CA ALA C 236 18.86 10.21 -6.54
C ALA C 236 20.28 10.29 -6.02
N ILE C 237 20.41 10.23 -4.69
CA ILE C 237 21.72 10.23 -4.05
C ILE C 237 21.55 9.61 -2.68
N CYS C 238 22.59 8.93 -2.22
CA CYS C 238 22.60 8.28 -0.92
C CYS C 238 24.04 7.95 -0.57
N PHE C 239 24.25 7.43 0.65
CA PHE C 239 25.58 7.14 1.17
C PHE C 239 25.92 5.67 1.11
N PHE C 240 27.13 5.38 1.60
CA PHE C 240 27.66 4.05 1.84
C PHE C 240 28.03 4.17 3.31
N PRO C 241 27.42 3.41 4.22
CA PRO C 241 27.47 3.80 5.64
C PRO C 241 28.87 3.84 6.27
N ASN C 242 29.92 3.47 5.54
CA ASN C 242 31.26 3.76 6.06
C ASN C 242 31.56 5.24 6.14
N GLY C 243 30.83 6.06 5.38
CA GLY C 243 31.04 7.50 5.40
C GLY C 243 32.08 8.01 4.43
N ASN C 244 32.43 7.22 3.42
CA ASN C 244 33.50 7.58 2.49
C ASN C 244 33.07 7.50 1.04
N ALA C 245 31.77 7.45 0.77
CA ALA C 245 31.29 7.32 -0.61
C ALA C 245 29.84 7.80 -0.67
N PHE C 246 29.38 8.06 -1.89
CA PHE C 246 27.96 8.31 -2.08
C PHE C 246 27.61 8.04 -3.54
N ALA C 247 26.41 7.51 -3.76
CA ALA C 247 26.00 7.05 -5.08
C ALA C 247 24.92 7.93 -5.69
N THR C 248 25.12 8.30 -6.94
CA THR C 248 24.30 9.26 -7.66
C THR C 248 23.48 8.55 -8.72
N GLY C 249 22.23 8.98 -8.87
CA GLY C 249 21.35 8.48 -9.91
C GLY C 249 20.84 9.60 -10.78
N SER C 250 21.22 9.56 -12.06
CA SER C 250 21.04 10.65 -13.00
C SER C 250 19.96 10.32 -14.02
N ASP C 251 19.66 11.30 -14.87
CA ASP C 251 18.69 11.15 -15.94
C ASP C 251 19.34 10.88 -17.29
N ASP C 252 20.65 10.67 -17.31
CA ASP C 252 21.38 10.26 -18.50
C ASP C 252 21.48 8.76 -18.69
N ALA C 253 20.64 7.99 -17.98
CA ALA C 253 20.56 6.53 -18.10
C ALA C 253 21.70 5.83 -17.39
N THR C 254 22.24 6.45 -16.34
CA THR C 254 23.41 5.91 -15.67
C THR C 254 23.27 6.12 -14.17
N CYS C 255 23.90 5.24 -13.40
CA CYS C 255 24.19 5.45 -12.00
C CYS C 255 25.70 5.53 -11.84
N ARG C 256 26.15 6.39 -10.94
CA ARG C 256 27.57 6.44 -10.61
C ARG C 256 27.75 6.36 -9.11
N LEU C 257 28.98 6.08 -8.70
CA LEU C 257 29.35 6.09 -7.29
C LEU C 257 30.57 7.00 -7.24
N PHE C 258 30.52 7.98 -6.33
CA PHE C 258 31.53 9.03 -6.13
C PHE C 258 32.26 8.81 -4.81
N ASP C 259 33.59 8.93 -4.88
CA ASP C 259 34.45 8.85 -3.71
C ASP C 259 34.92 10.24 -3.31
N LEU C 260 35.25 10.42 -2.01
CA LEU C 260 35.58 11.73 -1.45
C LEU C 260 37.09 11.98 -1.43
N ARG C 261 37.88 10.98 -1.05
CA ARG C 261 39.33 11.12 -1.01
C ARG C 261 40.00 10.83 -2.34
N ALA C 262 39.26 10.35 -3.34
CA ALA C 262 39.85 10.00 -4.63
C ALA C 262 39.79 11.14 -5.64
N ASP C 263 38.99 12.17 -5.37
CA ASP C 263 38.90 13.34 -6.25
C ASP C 263 38.26 12.99 -7.60
N GLN C 264 37.48 11.92 -7.63
CA GLN C 264 36.84 11.37 -8.83
C GLN C 264 35.60 10.58 -8.42
N GLU C 265 35.07 9.82 -9.37
CA GLU C 265 33.98 8.89 -9.15
C GLU C 265 34.51 7.47 -9.23
N LEU C 266 33.85 6.57 -8.50
CA LEU C 266 34.32 5.19 -8.37
C LEU C 266 33.72 4.25 -9.41
N MET C 267 32.39 4.16 -9.47
CA MET C 267 31.76 3.16 -10.34
C MET C 267 30.72 3.76 -11.27
N THR C 268 30.48 3.04 -12.38
CA THR C 268 29.50 3.38 -13.39
C THR C 268 28.63 2.16 -13.67
N TYR C 269 27.31 2.33 -13.60
CA TYR C 269 26.35 1.25 -13.80
C TYR C 269 25.34 1.69 -14.84
N SER C 270 25.29 1.00 -15.97
CA SER C 270 24.39 1.37 -17.07
C SER C 270 24.10 0.15 -17.92
N HIS C 271 23.03 0.26 -18.72
CA HIS C 271 22.68 -0.77 -19.68
C HIS C 271 21.82 -0.13 -20.78
N ASP C 272 21.79 -0.81 -21.94
CA ASP C 272 21.18 -0.22 -23.12
C ASP C 272 19.67 -0.14 -23.01
N ASN C 273 19.04 -1.14 -22.37
CA ASN C 273 17.59 -1.09 -22.21
C ASN C 273 17.14 0.04 -21.31
N ILE C 274 18.05 0.69 -20.61
CA ILE C 274 17.74 1.84 -19.77
C ILE C 274 17.87 3.08 -20.67
N ILE C 275 16.77 3.42 -21.33
CA ILE C 275 16.70 4.64 -22.13
C ILE C 275 16.11 5.79 -21.32
N CYS C 276 16.09 5.66 -19.99
CA CYS C 276 15.43 6.58 -19.09
C CYS C 276 16.34 6.87 -17.91
N GLY C 277 15.84 7.65 -16.96
CA GLY C 277 16.62 8.03 -15.80
C GLY C 277 16.43 7.10 -14.63
N ILE C 278 17.16 7.40 -13.56
CA ILE C 278 17.14 6.62 -12.32
C ILE C 278 16.24 7.33 -11.33
N THR C 279 15.13 6.70 -10.95
CA THR C 279 14.24 7.33 -9.99
C THR C 279 14.78 7.28 -8.57
N SER C 280 15.44 6.18 -8.17
CA SER C 280 15.97 6.09 -6.82
C SER C 280 17.10 5.08 -6.78
N VAL C 281 17.95 5.21 -5.75
CA VAL C 281 18.99 4.24 -5.43
C VAL C 281 18.92 3.98 -3.92
N SER C 282 19.68 2.97 -3.48
CA SER C 282 19.82 2.67 -2.06
C SER C 282 20.88 1.60 -1.89
N PHE C 283 21.39 1.49 -0.66
CA PHE C 283 22.52 0.61 -0.37
C PHE C 283 22.10 -0.56 0.50
N SER C 284 22.94 -1.60 0.50
CA SER C 284 22.78 -2.73 1.39
C SER C 284 23.55 -2.48 2.69
N LYS C 285 23.03 -3.04 3.79
CA LYS C 285 23.58 -2.76 5.10
C LYS C 285 25.06 -3.13 5.20
N SER C 286 25.50 -4.13 4.44
CA SER C 286 26.90 -4.50 4.43
C SER C 286 27.68 -3.89 3.27
N GLY C 287 27.01 -3.49 2.20
CA GLY C 287 27.68 -2.87 1.07
C GLY C 287 27.91 -3.76 -0.12
N ARG C 288 27.01 -4.71 -0.39
CA ARG C 288 27.20 -5.63 -1.50
C ARG C 288 26.00 -5.70 -2.44
N LEU C 289 24.88 -5.10 -2.08
CA LEU C 289 23.72 -5.07 -2.97
C LEU C 289 23.24 -3.65 -3.10
N LEU C 290 23.52 -3.04 -4.25
CA LEU C 290 22.99 -1.73 -4.58
C LEU C 290 21.62 -1.94 -5.20
N LEU C 291 20.69 -1.05 -4.90
CA LEU C 291 19.34 -1.18 -5.43
C LEU C 291 19.01 0.07 -6.21
N ALA C 292 18.41 -0.10 -7.40
CA ALA C 292 18.05 1.03 -8.23
C ALA C 292 16.68 0.85 -8.84
N GLY C 293 15.90 1.93 -8.87
CA GLY C 293 14.65 1.97 -9.58
C GLY C 293 14.80 2.69 -10.91
N TYR C 294 13.88 2.47 -11.85
CA TYR C 294 13.99 3.01 -13.19
C TYR C 294 12.61 3.46 -13.67
N ASP C 295 12.57 4.02 -14.87
CA ASP C 295 11.30 4.21 -15.55
C ASP C 295 10.94 3.03 -16.44
N ASP C 296 11.80 2.01 -16.51
CA ASP C 296 11.49 0.76 -17.20
C ASP C 296 10.79 -0.26 -16.31
N PHE C 297 10.25 0.20 -15.18
CA PHE C 297 9.30 -0.52 -14.34
C PHE C 297 9.97 -1.61 -13.50
N ASN C 298 11.26 -1.84 -13.71
CA ASN C 298 11.98 -2.82 -12.91
C ASN C 298 12.53 -2.18 -11.64
N CYS C 299 13.01 -3.04 -10.74
CA CYS C 299 13.94 -2.65 -9.69
C CYS C 299 15.17 -3.54 -9.87
N ASN C 300 16.25 -2.96 -10.36
CA ASN C 300 17.46 -3.75 -10.51
C ASN C 300 18.21 -3.80 -9.19
N VAL C 301 18.48 -5.00 -8.71
CA VAL C 301 19.35 -5.21 -7.57
C VAL C 301 20.75 -5.39 -8.18
N TRP C 302 21.42 -4.27 -8.40
CA TRP C 302 22.76 -4.30 -8.93
C TRP C 302 23.74 -4.82 -7.88
N ASP C 303 24.84 -5.35 -8.36
CA ASP C 303 25.97 -5.63 -7.50
C ASP C 303 26.86 -4.39 -7.47
N ALA C 304 27.70 -4.29 -6.45
CA ALA C 304 28.52 -3.08 -6.32
C ALA C 304 29.96 -3.33 -6.74
N LEU C 305 30.54 -4.44 -6.32
CA LEU C 305 31.94 -4.74 -6.58
C LEU C 305 32.18 -5.29 -7.97
N LYS C 306 31.14 -5.65 -8.71
CA LYS C 306 31.30 -6.29 -10.01
C LYS C 306 30.69 -5.56 -11.20
N ALA C 307 29.77 -4.63 -10.97
CA ALA C 307 29.24 -3.72 -11.99
C ALA C 307 28.60 -4.44 -13.17
N ASP C 308 28.44 -5.76 -13.09
CA ASP C 308 27.83 -6.51 -14.18
C ASP C 308 26.62 -7.35 -13.83
N ARG C 309 26.60 -7.96 -12.65
CA ARG C 309 25.53 -8.86 -12.29
C ARG C 309 24.32 -8.09 -11.75
N ALA C 310 23.20 -8.78 -11.59
CA ALA C 310 21.95 -8.14 -11.17
C ALA C 310 20.89 -9.15 -10.78
N GLY C 311 19.96 -8.72 -9.91
CA GLY C 311 18.70 -9.39 -9.69
C GLY C 311 17.56 -8.42 -9.95
N VAL C 312 16.34 -8.91 -9.73
CA VAL C 312 15.15 -8.10 -9.95
C VAL C 312 14.13 -8.30 -8.84
N LEU C 313 13.51 -7.20 -8.41
CA LEU C 313 12.27 -7.27 -7.63
C LEU C 313 11.09 -7.15 -8.60
N ALA C 314 10.91 -8.20 -9.39
CA ALA C 314 9.76 -8.28 -10.29
C ALA C 314 8.50 -8.44 -9.47
N GLY C 315 7.46 -7.72 -9.86
CA GLY C 315 6.23 -7.71 -9.10
C GLY C 315 5.56 -6.36 -9.08
N HIS C 316 6.26 -5.37 -9.61
CA HIS C 316 5.71 -4.03 -9.75
C HIS C 316 5.29 -3.79 -11.19
N ASP C 317 4.14 -3.14 -11.37
CA ASP C 317 3.55 -2.91 -12.68
C ASP C 317 3.50 -1.42 -13.04
N ASN C 318 4.19 -0.57 -12.29
CA ASN C 318 4.27 0.85 -12.58
C ASN C 318 5.68 1.30 -12.22
N ARG C 319 5.90 2.61 -12.13
CA ARG C 319 7.24 3.13 -11.90
C ARG C 319 7.60 3.07 -10.42
N VAL C 320 8.84 2.69 -10.15
CA VAL C 320 9.32 2.49 -8.79
C VAL C 320 9.96 3.78 -8.29
N SER C 321 9.29 4.44 -7.35
CA SER C 321 9.73 5.75 -6.87
C SER C 321 10.83 5.63 -5.82
N CYS C 322 10.64 4.79 -4.81
CA CYS C 322 11.47 4.83 -3.62
C CYS C 322 11.70 3.42 -3.09
N LEU C 323 12.92 3.14 -2.63
CA LEU C 323 13.20 1.85 -2.03
C LEU C 323 14.29 1.99 -0.98
N GLY C 324 14.11 1.28 0.14
CA GLY C 324 15.02 1.41 1.26
C GLY C 324 15.08 0.16 2.12
N VAL C 325 16.21 -0.01 2.80
CA VAL C 325 16.52 -1.20 3.59
C VAL C 325 16.63 -0.77 5.04
N THR C 326 16.48 -1.72 5.95
CA THR C 326 16.46 -1.45 7.38
C THR C 326 17.88 -1.20 7.89
N ASP C 327 18.03 -1.08 9.20
CA ASP C 327 19.35 -0.91 9.80
C ASP C 327 19.97 -2.27 10.13
N ASP C 328 19.15 -3.26 10.49
CA ASP C 328 19.65 -4.63 10.57
C ASP C 328 19.72 -5.29 9.21
N GLY C 329 19.13 -4.68 8.18
CA GLY C 329 19.28 -5.15 6.81
C GLY C 329 18.66 -6.50 6.51
N MET C 330 17.57 -6.86 7.17
CA MET C 330 16.93 -8.15 6.93
C MET C 330 15.75 -8.06 5.96
N ALA C 331 15.17 -6.88 5.77
CA ALA C 331 14.07 -6.70 4.84
C ALA C 331 14.40 -5.55 3.89
N VAL C 332 13.56 -5.39 2.87
CA VAL C 332 13.64 -4.25 1.96
C VAL C 332 12.23 -3.81 1.64
N ALA C 333 11.99 -2.51 1.59
CA ALA C 333 10.70 -1.98 1.18
C ALA C 333 10.84 -1.21 -0.12
N THR C 334 9.88 -1.39 -1.02
CA THR C 334 9.76 -0.52 -2.18
C THR C 334 8.36 0.09 -2.23
N GLY C 335 8.31 1.40 -2.44
CA GLY C 335 7.08 2.08 -2.79
C GLY C 335 7.18 2.55 -4.24
N SER C 336 6.04 2.54 -4.92
CA SER C 336 6.01 2.71 -6.36
C SER C 336 4.76 3.49 -6.75
N TRP C 337 4.65 3.80 -8.04
CA TRP C 337 3.46 4.45 -8.55
C TRP C 337 2.26 3.52 -8.59
N ASP C 338 2.47 2.21 -8.43
CA ASP C 338 1.37 1.27 -8.30
C ASP C 338 0.63 1.40 -6.97
N SER C 339 1.15 2.22 -6.05
CA SER C 339 0.57 2.53 -4.73
C SER C 339 0.69 1.40 -3.73
N PHE C 340 1.68 0.52 -3.88
CA PHE C 340 1.88 -0.58 -2.94
C PHE C 340 3.28 -0.55 -2.37
N LEU C 341 3.38 -0.62 -1.04
CA LEU C 341 4.63 -0.93 -0.39
C LEU C 341 4.82 -2.44 -0.38
N LYS C 342 5.98 -2.88 -0.82
CA LYS C 342 6.30 -4.30 -0.91
C LYS C 342 7.48 -4.58 -0.01
N ILE C 343 7.31 -5.56 0.87
CA ILE C 343 8.35 -6.00 1.80
C ILE C 343 8.97 -7.26 1.22
N TRP C 344 10.29 -7.28 1.13
CA TRP C 344 11.02 -8.33 0.44
C TRP C 344 12.09 -8.89 1.38
N ASN C 345 12.15 -10.21 1.48
CA ASN C 345 13.25 -10.87 2.18
C ASN C 345 13.76 -12.02 1.32
N ALA D 10 35.07 38.36 -6.58
CA ALA D 10 35.24 37.80 -7.92
C ALA D 10 35.12 36.28 -7.89
N GLN D 11 34.36 35.73 -8.84
CA GLN D 11 34.21 34.28 -8.91
C GLN D 11 35.53 33.59 -9.25
N ALA D 12 36.39 34.25 -10.02
CA ALA D 12 37.70 33.68 -10.32
C ALA D 12 38.55 33.54 -9.07
N ARG D 13 38.52 34.55 -8.20
CA ARG D 13 39.27 34.48 -6.95
C ARG D 13 38.74 33.36 -6.06
N LYS D 14 37.41 33.22 -5.98
CA LYS D 14 36.83 32.14 -5.19
C LYS D 14 37.20 30.77 -5.75
N LEU D 15 37.19 30.64 -7.07
CA LEU D 15 37.61 29.38 -7.69
C LEU D 15 39.07 29.09 -7.39
N VAL D 16 39.93 30.11 -7.46
CA VAL D 16 41.35 29.92 -7.15
C VAL D 16 41.53 29.46 -5.72
N GLU D 17 40.82 30.10 -4.78
CA GLU D 17 40.93 29.70 -3.38
C GLU D 17 40.43 28.28 -3.16
N GLN D 18 39.31 27.92 -3.78
CA GLN D 18 38.76 26.58 -3.62
C GLN D 18 39.71 25.52 -4.18
N LEU D 19 40.28 25.79 -5.36
CA LEU D 19 41.20 24.82 -5.96
C LEU D 19 42.50 24.73 -5.19
N LYS D 20 42.97 25.85 -4.62
CA LYS D 20 44.16 25.81 -3.77
C LYS D 20 43.91 24.98 -2.51
N MET D 21 42.74 25.17 -1.89
CA MET D 21 42.41 24.38 -0.70
C MET D 21 42.28 22.90 -1.05
N GLU D 22 41.67 22.59 -2.20
CA GLU D 22 41.58 21.19 -2.63
C GLU D 22 42.96 20.61 -2.91
N ALA D 23 43.86 21.39 -3.51
CA ALA D 23 45.21 20.89 -3.78
C ALA D 23 45.96 20.62 -2.50
N ASN D 24 45.80 21.49 -1.49
CA ASN D 24 46.52 21.36 -0.22
C ASN D 24 45.81 20.35 0.69
N ILE D 25 45.57 19.16 0.14
CA ILE D 25 44.97 18.04 0.85
C ILE D 25 45.85 16.83 0.63
N ASP D 26 46.02 16.02 1.68
CA ASP D 26 46.84 14.82 1.59
C ASP D 26 46.10 13.78 0.75
N ARG D 27 46.23 13.93 -0.56
CA ARG D 27 45.60 12.99 -1.48
C ARG D 27 46.20 11.60 -1.34
N ILE D 28 45.34 10.60 -1.50
CA ILE D 28 45.73 9.21 -1.37
C ILE D 28 45.76 8.57 -2.75
N LYS D 29 46.30 7.35 -2.80
CA LYS D 29 46.18 6.55 -4.01
C LYS D 29 44.78 5.93 -4.07
N VAL D 30 44.28 5.78 -5.29
CA VAL D 30 42.95 5.20 -5.48
C VAL D 30 42.88 3.80 -4.86
N SER D 31 43.97 3.03 -4.99
CA SER D 31 44.00 1.69 -4.43
C SER D 31 43.83 1.71 -2.91
N LYS D 32 44.24 2.79 -2.25
CA LYS D 32 44.04 2.89 -0.80
C LYS D 32 42.56 2.82 -0.45
N ALA D 33 41.77 3.76 -0.97
CA ALA D 33 40.33 3.74 -0.70
C ALA D 33 39.68 2.50 -1.27
N ALA D 34 40.20 1.96 -2.38
CA ALA D 34 39.64 0.74 -2.94
C ALA D 34 39.78 -0.43 -1.96
N ALA D 35 40.99 -0.66 -1.46
CA ALA D 35 41.20 -1.71 -0.48
C ALA D 35 40.46 -1.43 0.82
N ASP D 36 40.31 -0.15 1.18
CA ASP D 36 39.53 0.19 2.37
C ASP D 36 38.07 -0.25 2.21
N LEU D 37 37.48 0.06 1.05
CA LEU D 37 36.09 -0.33 0.80
C LEU D 37 35.95 -1.85 0.77
N MET D 38 36.88 -2.53 0.11
CA MET D 38 36.79 -3.98 0.01
C MET D 38 36.99 -4.65 1.36
N ALA D 39 37.88 -4.08 2.20
CA ALA D 39 38.11 -4.64 3.52
C ALA D 39 36.91 -4.39 4.43
N TYR D 40 36.28 -3.22 4.32
CA TYR D 40 35.06 -2.98 5.09
C TYR D 40 33.97 -3.95 4.68
N CYS D 41 33.84 -4.22 3.37
CA CYS D 41 32.80 -5.14 2.92
C CYS D 41 33.08 -6.57 3.38
N GLU D 42 34.33 -7.03 3.26
CA GLU D 42 34.63 -8.41 3.61
C GLU D 42 34.69 -8.63 5.12
N ALA D 43 35.09 -7.62 5.89
CA ALA D 43 35.14 -7.75 7.34
C ALA D 43 33.76 -7.99 7.93
N HIS D 44 32.76 -7.27 7.44
CA HIS D 44 31.39 -7.43 7.86
C HIS D 44 30.60 -8.38 6.96
N ALA D 45 31.29 -9.09 6.06
CA ALA D 45 30.62 -9.99 5.13
C ALA D 45 29.93 -11.15 5.84
N LYS D 46 30.27 -11.42 7.09
CA LYS D 46 29.70 -12.55 7.82
C LYS D 46 28.30 -12.26 8.35
N GLU D 47 27.80 -11.04 8.20
CA GLU D 47 26.57 -10.62 8.86
C GLU D 47 25.48 -10.17 7.90
N ASP D 48 25.79 -9.96 6.62
CA ASP D 48 24.80 -9.48 5.64
C ASP D 48 23.57 -10.39 5.63
N PRO D 49 22.40 -9.90 6.05
CA PRO D 49 21.24 -10.81 6.16
C PRO D 49 20.64 -11.29 4.86
N LEU D 50 20.62 -10.47 3.82
CA LEU D 50 20.03 -10.85 2.55
C LEU D 50 21.01 -11.60 1.65
N LEU D 51 22.13 -12.06 2.21
CA LEU D 51 23.05 -12.96 1.51
C LEU D 51 23.53 -14.12 2.37
N THR D 52 23.28 -14.11 3.68
CA THR D 52 23.68 -15.17 4.59
C THR D 52 22.42 -15.83 5.15
N PRO D 53 22.25 -17.14 4.98
CA PRO D 53 20.99 -17.77 5.36
C PRO D 53 20.78 -17.81 6.87
N VAL D 54 19.50 -17.77 7.25
CA VAL D 54 19.07 -17.86 8.65
C VAL D 54 17.89 -18.82 8.71
N PRO D 55 17.78 -19.58 9.79
CA PRO D 55 16.58 -20.41 9.99
C PRO D 55 15.30 -19.56 9.92
N ALA D 56 14.29 -20.12 9.25
CA ALA D 56 13.08 -19.34 8.95
C ALA D 56 12.25 -19.08 10.19
N SER D 57 12.49 -19.79 11.29
CA SER D 57 11.74 -19.53 12.52
C SER D 57 12.03 -18.12 13.04
N GLU D 58 13.29 -17.70 13.01
CA GLU D 58 13.72 -16.41 13.50
C GLU D 58 13.37 -15.27 12.54
N ASN D 59 12.71 -15.58 11.43
CA ASN D 59 12.41 -14.59 10.40
C ASN D 59 11.08 -13.93 10.74
N PRO D 60 11.07 -12.65 11.15
CA PRO D 60 9.80 -12.00 11.52
C PRO D 60 8.90 -11.69 10.34
N PHE D 61 9.38 -11.88 9.10
CA PHE D 61 8.55 -11.71 7.92
C PHE D 61 8.26 -13.03 7.21
N ARG D 62 8.70 -14.14 7.79
CA ARG D 62 8.50 -15.48 7.21
C ARG D 62 9.09 -15.56 5.80
N VAL E 1 -4.89 16.15 31.65
CA VAL E 1 -5.62 14.89 31.59
C VAL E 1 -6.42 14.70 32.87
N GLN E 2 -7.74 14.63 32.74
CA GLN E 2 -8.63 14.45 33.88
C GLN E 2 -9.72 13.44 33.54
N LEU E 3 -9.96 12.53 34.48
CA LEU E 3 -11.13 11.67 34.51
C LEU E 3 -11.80 11.85 35.86
N VAL E 4 -13.11 12.08 35.85
CA VAL E 4 -13.87 12.31 37.08
C VAL E 4 -15.01 11.31 37.14
N GLU E 5 -15.03 10.50 38.19
CA GLU E 5 -16.09 9.53 38.40
C GLU E 5 -17.21 10.13 39.25
N SER E 6 -18.39 9.53 39.15
CA SER E 6 -19.54 9.96 39.93
C SER E 6 -20.61 8.87 39.88
N GLY E 7 -21.63 9.06 40.69
CA GLY E 7 -22.70 8.09 40.81
C GLY E 7 -22.59 7.16 41.99
N GLY E 8 -21.77 7.51 43.00
CA GLY E 8 -21.60 6.68 44.16
C GLY E 8 -22.45 7.13 45.34
N GLY E 9 -22.62 6.22 46.29
CA GLY E 9 -23.47 6.49 47.43
C GLY E 9 -23.78 5.20 48.19
N LEU E 10 -24.92 5.21 48.88
CA LEU E 10 -25.38 4.07 49.65
C LEU E 10 -26.75 3.64 49.15
N VAL E 11 -26.97 2.32 49.08
CA VAL E 11 -28.22 1.77 48.58
C VAL E 11 -28.71 0.67 49.50
N GLN E 12 -30.03 0.63 49.71
CA GLN E 12 -30.66 -0.44 50.45
C GLN E 12 -30.51 -1.75 49.68
N PRO E 13 -30.56 -2.89 50.38
CA PRO E 13 -30.44 -4.17 49.68
C PRO E 13 -31.56 -4.36 48.67
N GLY E 14 -31.20 -4.92 47.52
CA GLY E 14 -32.14 -5.08 46.43
C GLY E 14 -32.27 -3.83 45.58
N GLY E 15 -32.18 -3.97 44.27
CA GLY E 15 -32.27 -2.84 43.38
C GLY E 15 -31.18 -2.82 42.33
N SER E 16 -30.84 -1.62 41.89
CA SER E 16 -29.86 -1.42 40.83
C SER E 16 -29.32 -0.01 40.95
N ARG E 17 -28.22 0.25 40.24
CA ARG E 17 -27.60 1.57 40.28
C ARG E 17 -26.68 1.79 39.10
N LYS E 18 -26.14 3.01 39.05
CA LYS E 18 -25.49 3.58 37.88
C LYS E 18 -24.15 4.17 38.32
N LEU E 19 -23.18 4.17 37.42
CA LEU E 19 -21.94 4.91 37.60
C LEU E 19 -21.57 5.61 36.30
N SER E 20 -20.90 6.76 36.43
CA SER E 20 -20.56 7.56 35.26
C SER E 20 -19.17 8.16 35.44
N CYS E 21 -18.57 8.52 34.30
CA CYS E 21 -17.25 9.14 34.29
C CYS E 21 -17.15 10.14 33.15
N SER E 22 -16.60 11.31 33.43
CA SER E 22 -16.43 12.38 32.45
C SER E 22 -14.95 12.66 32.26
N ALA E 23 -14.53 12.77 31.00
CA ALA E 23 -13.13 12.92 30.63
C ALA E 23 -12.88 14.29 30.03
N SER E 24 -11.64 14.76 30.19
CA SER E 24 -11.28 16.10 29.70
C SER E 24 -9.76 16.19 29.54
N GLY E 25 -9.32 16.61 28.36
CA GLY E 25 -7.92 16.88 28.13
C GLY E 25 -7.16 15.87 27.28
N PHE E 26 -7.86 14.96 26.60
CA PHE E 26 -7.20 14.01 25.71
C PHE E 26 -8.21 13.54 24.67
N ALA E 27 -7.69 12.92 23.62
CA ALA E 27 -8.52 12.39 22.53
C ALA E 27 -9.21 11.13 23.01
N PHE E 28 -10.42 11.29 23.56
CA PHE E 28 -11.13 10.19 24.20
C PHE E 28 -11.40 9.02 23.26
N SER E 29 -11.40 9.24 21.94
CA SER E 29 -11.86 8.20 21.03
C SER E 29 -10.84 7.08 20.87
N SER E 30 -9.56 7.38 21.02
CA SER E 30 -8.49 6.42 20.77
C SER E 30 -8.13 5.60 21.99
N PHE E 31 -9.02 5.51 22.98
CA PHE E 31 -8.74 4.81 24.22
C PHE E 31 -9.86 3.83 24.54
N GLY E 32 -9.48 2.68 25.09
CA GLY E 32 -10.39 1.79 25.77
C GLY E 32 -10.36 2.01 27.27
N MET E 33 -11.37 1.48 27.95
CA MET E 33 -11.56 1.76 29.37
C MET E 33 -11.76 0.47 30.16
N HIS E 34 -11.33 0.53 31.42
CA HIS E 34 -11.56 -0.52 32.39
C HIS E 34 -12.29 0.05 33.61
N TRP E 35 -13.21 -0.74 34.17
CA TRP E 35 -13.77 -0.48 35.49
C TRP E 35 -13.11 -1.46 36.44
N VAL E 36 -12.66 -0.96 37.60
CA VAL E 36 -11.92 -1.74 38.58
C VAL E 36 -12.50 -1.50 39.97
N ARG E 37 -12.51 -2.56 40.80
CA ARG E 37 -13.13 -2.54 42.12
C ARG E 37 -12.07 -2.71 43.21
N GLN E 38 -12.38 -2.17 44.40
CA GLN E 38 -11.51 -2.34 45.57
C GLN E 38 -12.37 -2.47 46.83
N ALA E 39 -12.10 -3.51 47.61
CA ALA E 39 -12.88 -3.77 48.81
C ALA E 39 -12.47 -2.83 49.94
N PRO E 40 -13.36 -2.60 50.91
CA PRO E 40 -13.06 -1.61 51.96
C PRO E 40 -11.90 -1.98 52.86
N GLU E 41 -11.49 -3.25 52.89
CA GLU E 41 -10.36 -3.65 53.74
C GLU E 41 -9.37 -4.56 53.04
N LYS E 42 -9.49 -4.72 51.72
CA LYS E 42 -8.79 -5.77 51.00
C LYS E 42 -8.12 -5.16 49.77
N GLY E 43 -7.64 -6.01 48.87
CA GLY E 43 -6.95 -5.57 47.69
C GLY E 43 -7.89 -5.15 46.58
N LEU E 44 -7.35 -5.14 45.36
CA LEU E 44 -8.07 -4.72 44.16
C LEU E 44 -8.76 -5.92 43.52
N GLU E 45 -9.71 -5.62 42.63
CA GLU E 45 -10.41 -6.67 41.89
C GLU E 45 -11.03 -6.09 40.62
N TRP E 46 -10.61 -6.61 39.47
CA TRP E 46 -11.06 -6.12 38.18
C TRP E 46 -12.55 -6.36 38.00
N VAL E 47 -13.20 -5.47 37.25
CA VAL E 47 -14.64 -5.54 37.00
C VAL E 47 -14.95 -5.79 35.53
N ALA E 48 -14.54 -4.89 34.65
CA ALA E 48 -14.97 -5.04 33.26
C ALA E 48 -14.14 -4.18 32.33
N TYR E 49 -14.32 -4.42 31.03
CA TYR E 49 -13.53 -3.80 29.96
C TYR E 49 -14.40 -3.45 28.76
N ILE E 50 -14.21 -2.24 28.23
CA ILE E 50 -14.81 -1.82 26.97
C ILE E 50 -13.70 -1.32 26.05
N SER E 51 -13.85 -1.58 24.75
CA SER E 51 -12.80 -1.45 23.77
C SER E 51 -13.00 -0.23 22.89
N SER E 52 -11.89 0.31 22.38
CA SER E 52 -11.92 1.45 21.48
C SER E 52 -12.51 1.03 20.14
N GLY E 53 -13.75 1.41 19.90
CA GLY E 53 -14.52 0.95 18.75
C GLY E 53 -15.85 0.33 19.12
N SER E 54 -16.02 -0.11 20.36
CA SER E 54 -17.24 -0.67 20.95
C SER E 54 -17.51 -2.10 20.50
N GLY E 55 -16.61 -2.71 19.72
CA GLY E 55 -16.85 -4.05 19.21
C GLY E 55 -16.54 -5.16 20.20
N THR E 56 -15.86 -4.84 21.30
CA THR E 56 -15.45 -5.84 22.27
C THR E 56 -15.85 -5.38 23.67
N ILE E 57 -16.44 -6.28 24.44
CA ILE E 57 -16.82 -6.01 25.82
C ILE E 57 -16.58 -7.27 26.65
N TYR E 58 -15.89 -7.12 27.78
CA TYR E 58 -15.52 -8.23 28.65
C TYR E 58 -15.99 -7.98 30.06
N TYR E 59 -16.50 -9.04 30.71
CA TYR E 59 -16.98 -9.00 32.08
C TYR E 59 -16.18 -9.98 32.94
N ALA E 60 -16.54 -10.04 34.21
CA ALA E 60 -15.88 -10.89 35.19
C ALA E 60 -16.72 -12.12 35.48
N ASP E 61 -16.04 -13.18 35.94
CA ASP E 61 -16.72 -14.45 36.17
C ASP E 61 -17.63 -14.40 37.39
N THR E 62 -17.42 -13.43 38.28
CA THR E 62 -18.09 -13.43 39.57
C THR E 62 -19.45 -12.72 39.55
N VAL E 63 -19.63 -11.71 38.69
CA VAL E 63 -20.90 -10.99 38.60
C VAL E 63 -21.41 -10.87 37.18
N LYS E 64 -21.03 -11.80 36.29
CA LYS E 64 -21.46 -11.73 34.90
C LYS E 64 -22.97 -11.78 34.80
N GLY E 65 -23.51 -10.99 33.87
CA GLY E 65 -24.94 -10.87 33.68
C GLY E 65 -25.57 -9.76 34.48
N ARG E 66 -25.07 -9.56 35.71
CA ARG E 66 -25.59 -8.47 36.55
C ARG E 66 -25.17 -7.08 36.12
N PHE E 67 -24.00 -6.93 35.49
CA PHE E 67 -23.48 -5.62 35.14
C PHE E 67 -23.56 -5.41 33.63
N THR E 68 -23.15 -4.21 33.21
CA THR E 68 -22.82 -3.92 31.81
C THR E 68 -22.12 -2.56 31.72
N ILE E 69 -21.43 -2.35 30.59
CA ILE E 69 -20.58 -1.19 30.38
C ILE E 69 -20.97 -0.52 29.07
N SER E 70 -20.74 0.79 28.99
CA SER E 70 -21.02 1.51 27.76
C SER E 70 -20.19 2.78 27.70
N ARG E 71 -20.09 3.35 26.50
CA ARG E 71 -19.35 4.60 26.31
C ARG E 71 -20.08 5.48 25.31
N ASP E 72 -19.75 6.77 25.33
CA ASP E 72 -20.38 7.77 24.48
C ASP E 72 -19.37 8.82 24.04
N ASP E 73 -18.82 8.66 22.84
CA ASP E 73 -17.73 9.50 22.35
C ASP E 73 -18.10 10.95 22.04
N PRO E 74 -19.31 11.18 21.53
CA PRO E 74 -19.76 12.55 21.22
C PRO E 74 -19.60 13.49 22.43
N LYS E 75 -19.82 12.97 23.64
CA LYS E 75 -19.71 13.74 24.88
C LYS E 75 -18.52 13.36 25.73
N ASN E 76 -17.74 12.34 25.33
CA ASN E 76 -16.60 11.86 26.11
C ASN E 76 -17.04 11.40 27.51
N THR E 77 -17.88 10.36 27.54
CA THR E 77 -18.40 9.89 28.81
C THR E 77 -18.41 8.36 28.84
N LEU E 78 -18.28 7.81 30.04
CA LEU E 78 -18.26 6.36 30.27
C LEU E 78 -19.33 5.99 31.30
N PHE E 79 -20.00 4.86 31.10
CA PHE E 79 -21.14 4.48 31.92
C PHE E 79 -21.04 3.02 32.35
N LEU E 80 -21.49 2.75 33.57
CA LEU E 80 -21.59 1.39 34.11
C LEU E 80 -22.96 1.20 34.72
N GLN E 81 -23.54 0.02 34.49
CA GLN E 81 -24.85 -0.38 34.97
C GLN E 81 -24.69 -1.59 35.85
N MET E 82 -25.32 -1.60 37.03
CA MET E 82 -25.26 -2.79 37.87
C MET E 82 -26.62 -3.03 38.49
N THR E 83 -26.93 -4.31 38.71
CA THR E 83 -28.25 -4.75 39.13
C THR E 83 -28.13 -5.79 40.26
N SER E 84 -29.20 -5.88 41.06
CA SER E 84 -29.35 -6.92 42.07
C SER E 84 -28.15 -6.96 43.03
N LEU E 85 -27.86 -5.81 43.63
CA LEU E 85 -26.66 -5.69 44.45
C LEU E 85 -26.80 -6.47 45.75
N ARG E 86 -25.81 -7.29 46.06
CA ARG E 86 -25.72 -8.06 47.29
C ARG E 86 -24.67 -7.45 48.20
N SER E 87 -24.53 -8.06 49.39
CA SER E 87 -23.62 -7.52 50.40
C SER E 87 -22.18 -7.51 49.92
N GLU E 88 -21.81 -8.44 49.05
CA GLU E 88 -20.43 -8.53 48.57
C GLU E 88 -20.09 -7.49 47.52
N ASP E 89 -20.92 -6.47 47.34
CA ASP E 89 -20.69 -5.44 46.35
C ASP E 89 -20.23 -4.11 46.93
N THR E 90 -20.20 -3.98 48.27
CA THR E 90 -19.80 -2.74 48.91
C THR E 90 -18.32 -2.48 48.64
N ALA E 91 -18.01 -1.41 47.91
CA ALA E 91 -16.63 -1.22 47.48
C ALA E 91 -16.42 0.17 46.92
N MET E 92 -15.15 0.49 46.70
CA MET E 92 -14.71 1.65 45.93
C MET E 92 -14.58 1.24 44.47
N TYR E 93 -14.95 2.14 43.56
CA TYR E 93 -14.89 1.84 42.14
C TYR E 93 -14.23 2.90 41.27
N TYR E 94 -13.26 2.46 40.46
CA TYR E 94 -12.36 3.30 39.70
C TYR E 94 -12.53 3.05 38.21
N CYS E 95 -12.15 4.04 37.41
CA CYS E 95 -12.10 3.93 35.96
C CYS E 95 -10.68 4.16 35.50
N VAL E 96 -10.25 3.41 34.49
CA VAL E 96 -8.87 3.41 34.04
C VAL E 96 -8.82 3.54 32.53
N ARG E 97 -7.89 4.37 32.07
CA ARG E 97 -7.63 4.68 30.67
C ARG E 97 -6.57 3.74 30.11
N SER E 98 -6.77 3.26 28.89
CA SER E 98 -5.86 2.26 28.34
C SER E 98 -5.84 2.36 26.83
N ILE E 99 -4.70 2.05 26.22
CA ILE E 99 -4.53 2.19 24.78
C ILE E 99 -3.56 1.12 24.29
N TYR E 100 -3.85 0.53 23.13
CA TYR E 100 -3.06 -0.58 22.60
C TYR E 100 -2.70 -0.42 21.12
N TYR E 101 -1.49 0.06 20.87
CA TYR E 101 -0.84 -0.11 19.58
C TYR E 101 0.57 -0.58 19.90
N TYR E 102 1.41 -0.70 18.88
CA TYR E 102 2.75 -1.24 19.13
C TYR E 102 3.55 -0.21 19.91
N GLY E 103 3.64 -0.41 21.23
CA GLY E 103 4.48 0.40 22.07
C GLY E 103 3.76 1.33 23.04
N SER E 104 2.43 1.27 23.12
CA SER E 104 1.70 2.19 23.98
C SER E 104 1.79 1.77 25.44
N SER E 105 1.38 2.68 26.32
CA SER E 105 1.32 2.43 27.75
C SER E 105 -0.14 2.31 28.18
N PRO E 106 -0.61 1.13 28.55
CA PRO E 106 -1.95 1.00 29.12
C PRO E 106 -1.95 1.15 30.64
N PHE E 107 -3.15 1.41 31.16
CA PHE E 107 -3.38 1.51 32.61
C PHE E 107 -2.58 2.66 33.24
N ASP E 108 -2.28 3.70 32.45
CA ASP E 108 -1.34 4.73 32.90
C ASP E 108 -2.01 5.95 33.50
N PHE E 109 -3.33 6.05 33.49
CA PHE E 109 -4.01 7.13 34.21
C PHE E 109 -5.25 6.59 34.90
N TRP E 110 -5.27 6.69 36.22
CA TRP E 110 -6.42 6.29 37.04
C TRP E 110 -7.22 7.51 37.48
N GLY E 111 -8.52 7.34 37.58
CA GLY E 111 -9.38 8.39 38.13
C GLY E 111 -9.26 8.51 39.64
N GLN E 112 -10.30 9.02 40.31
CA GLN E 112 -10.29 9.19 41.75
C GLN E 112 -11.30 8.32 42.47
N GLY E 113 -12.12 7.56 41.75
CA GLY E 113 -13.00 6.58 42.36
C GLY E 113 -14.19 7.15 43.12
N THR E 114 -15.18 6.30 43.39
CA THR E 114 -16.34 6.67 44.18
C THR E 114 -16.73 5.51 45.09
N THR E 115 -17.47 5.82 46.14
CA THR E 115 -17.92 4.83 47.11
C THR E 115 -19.24 4.21 46.68
N LEU E 116 -19.46 2.97 47.10
CA LEU E 116 -20.77 2.35 46.92
C LEU E 116 -20.99 1.37 48.05
N THR E 117 -21.92 1.70 48.94
CA THR E 117 -22.20 0.89 50.13
C THR E 117 -23.56 0.23 50.00
N VAL E 118 -23.65 -1.03 50.45
CA VAL E 118 -24.89 -1.78 50.47
C VAL E 118 -25.11 -2.30 51.88
N SER E 119 -26.29 -2.04 52.43
CA SER E 119 -26.61 -2.48 53.78
C SER E 119 -26.76 -3.99 53.85
N SER E 136 -8.33 -23.06 36.65
CA SER E 136 -9.01 -22.18 35.70
C SER E 136 -8.23 -20.90 35.47
N ASP E 137 -8.39 -19.95 36.39
CA ASP E 137 -7.77 -18.64 36.26
C ASP E 137 -6.34 -18.68 36.78
N ILE E 138 -5.45 -17.92 36.11
CA ILE E 138 -4.08 -17.78 36.60
C ILE E 138 -4.11 -17.20 38.01
N VAL E 139 -3.12 -17.59 38.82
CA VAL E 139 -3.04 -17.16 40.21
C VAL E 139 -1.76 -16.35 40.40
N MET E 140 -1.91 -15.16 40.98
CA MET E 140 -0.79 -14.34 41.40
C MET E 140 -0.76 -14.35 42.93
N THR E 141 0.41 -14.62 43.50
CA THR E 141 0.56 -14.75 44.95
C THR E 141 1.56 -13.72 45.46
N GLN E 142 1.07 -12.81 46.30
CA GLN E 142 1.93 -11.82 46.95
C GLN E 142 2.70 -12.48 48.09
N ALA E 143 3.99 -12.14 48.19
CA ALA E 143 4.89 -12.87 49.10
C ALA E 143 4.43 -12.75 50.55
N THR E 144 4.10 -11.54 51.00
CA THR E 144 3.78 -11.31 52.40
C THR E 144 2.76 -10.18 52.49
N SER E 145 2.58 -9.65 53.70
CA SER E 145 1.60 -8.61 53.97
C SER E 145 2.23 -7.27 54.33
N SER E 146 3.28 -7.27 55.15
CA SER E 146 3.90 -6.02 55.57
C SER E 146 5.40 -6.23 55.76
N VAL E 147 6.15 -5.15 55.60
CA VAL E 147 7.61 -5.18 55.74
C VAL E 147 8.06 -3.89 56.41
N PRO E 148 8.77 -3.95 57.53
CA PRO E 148 9.27 -2.72 58.15
C PRO E 148 10.45 -2.14 57.39
N VAL E 149 10.43 -0.81 57.21
CA VAL E 149 11.44 -0.11 56.42
C VAL E 149 11.87 1.15 57.15
N THR E 150 13.05 1.64 56.76
CA THR E 150 13.61 2.89 57.27
C THR E 150 14.06 3.74 56.10
N PRO E 151 14.08 5.06 56.26
CA PRO E 151 14.46 5.94 55.14
C PRO E 151 15.87 5.66 54.66
N GLY E 152 16.05 5.76 53.34
CA GLY E 152 17.34 5.54 52.72
C GLY E 152 17.71 4.09 52.52
N GLU E 153 16.85 3.15 52.92
CA GLU E 153 17.16 1.72 52.86
C GLU E 153 16.56 1.10 51.61
N SER E 154 17.37 0.30 50.93
CA SER E 154 16.89 -0.43 49.75
C SER E 154 15.76 -1.37 50.14
N VAL E 155 14.75 -1.47 49.27
CA VAL E 155 13.57 -2.28 49.53
C VAL E 155 13.35 -3.21 48.36
N SER E 156 12.76 -4.38 48.64
CA SER E 156 12.42 -5.34 47.61
C SER E 156 11.13 -6.05 47.98
N ILE E 157 10.27 -6.24 46.99
CA ILE E 157 9.02 -6.98 47.13
C ILE E 157 8.99 -8.00 46.00
N SER E 158 8.26 -9.10 46.20
CA SER E 158 8.18 -10.13 45.18
C SER E 158 6.79 -10.72 45.15
N CYS E 159 6.37 -11.16 43.96
CA CYS E 159 5.18 -12.00 43.85
C CYS E 159 5.46 -13.11 42.85
N ARG E 160 4.59 -14.12 42.89
CA ARG E 160 4.80 -15.37 42.18
C ARG E 160 3.63 -15.62 41.23
N SER E 161 3.93 -16.18 40.07
CA SER E 161 2.96 -16.46 39.03
C SER E 161 2.78 -17.97 38.89
N SER E 162 1.54 -18.46 38.94
CA SER E 162 1.26 -19.88 38.80
C SER E 162 1.31 -20.37 37.35
N LYS E 163 1.85 -19.56 36.43
CA LYS E 163 1.92 -19.94 35.03
C LYS E 163 2.99 -19.09 34.37
N SER E 164 3.47 -19.56 33.22
CA SER E 164 4.52 -18.85 32.50
C SER E 164 3.87 -17.76 31.66
N LEU E 165 3.76 -16.56 32.24
CA LEU E 165 3.12 -15.44 31.56
C LEU E 165 3.91 -14.99 30.33
N LEU E 166 5.19 -15.35 30.24
CA LEU E 166 6.01 -14.97 29.10
C LEU E 166 5.49 -15.62 27.83
N HIS E 167 5.81 -15.02 26.69
CA HIS E 167 5.21 -15.38 25.42
C HIS E 167 6.29 -15.57 24.36
N SER E 168 5.88 -16.20 23.24
CA SER E 168 6.81 -16.51 22.17
C SER E 168 7.33 -15.26 21.45
N ASN E 169 6.69 -14.12 21.64
CA ASN E 169 7.15 -12.87 21.03
C ASN E 169 7.99 -12.02 21.99
N GLY E 170 7.92 -12.28 23.29
CA GLY E 170 8.67 -11.52 24.28
C GLY E 170 7.83 -10.79 25.30
N ASN E 171 6.52 -10.74 25.13
CA ASN E 171 5.67 -10.01 26.05
C ASN E 171 5.49 -10.78 27.36
N THR E 172 5.15 -10.05 28.41
CA THR E 172 4.82 -10.64 29.71
C THR E 172 3.91 -9.66 30.42
N TYR E 173 2.65 -10.02 30.55
CA TYR E 173 1.58 -9.05 30.87
C TYR E 173 1.38 -8.89 32.38
N LEU E 174 2.43 -8.56 33.11
CA LEU E 174 2.35 -8.34 34.55
C LEU E 174 2.63 -6.86 34.85
N TYR E 175 1.82 -6.28 35.74
CA TYR E 175 1.88 -4.86 36.05
C TYR E 175 2.15 -4.64 37.54
N TRP E 176 2.78 -3.50 37.84
CA TRP E 176 3.14 -3.07 39.18
C TRP E 176 2.53 -1.70 39.45
N PHE E 177 1.67 -1.60 40.47
CA PHE E 177 1.03 -0.36 40.87
C PHE E 177 1.28 -0.04 42.34
N LEU E 178 1.04 1.21 42.71
CA LEU E 178 1.25 1.74 44.06
C LEU E 178 0.04 2.57 44.49
N GLN E 179 -0.32 2.47 45.77
CA GLN E 179 -1.40 3.27 46.33
C GLN E 179 -0.93 3.95 47.62
N ARG E 180 -0.78 5.27 47.58
CA ARG E 180 -0.51 6.05 48.78
C ARG E 180 -1.79 6.22 49.59
N PRO E 181 -1.68 6.52 50.90
CA PRO E 181 -2.87 6.62 51.74
C PRO E 181 -3.74 7.80 51.34
N GLY E 182 -5.02 7.51 51.09
CA GLY E 182 -5.97 8.55 50.73
C GLY E 182 -5.97 8.97 49.28
N GLN E 183 -5.32 8.20 48.41
CA GLN E 183 -5.18 8.58 47.01
C GLN E 183 -5.66 7.46 46.08
N SER E 184 -5.40 7.61 44.79
CA SER E 184 -5.69 6.62 43.77
C SER E 184 -4.44 5.85 43.41
N PRO E 185 -4.58 4.64 42.85
CA PRO E 185 -3.39 3.91 42.39
C PRO E 185 -2.70 4.63 41.25
N GLN E 186 -1.40 4.39 41.14
CA GLN E 186 -0.54 5.02 40.16
C GLN E 186 0.29 3.96 39.46
N LEU E 187 0.21 3.93 38.13
CA LEU E 187 1.02 2.98 37.39
C LEU E 187 2.49 3.21 37.66
N LEU E 188 3.20 2.14 37.97
CA LEU E 188 4.65 2.16 38.08
C LEU E 188 5.33 1.40 36.96
N ILE E 189 4.92 0.16 36.70
CA ILE E 189 5.60 -0.67 35.71
C ILE E 189 4.58 -1.44 34.89
N TYR E 190 4.70 -1.36 33.56
CA TYR E 190 3.84 -2.09 32.64
C TYR E 190 4.66 -3.15 31.89
N ARG E 191 4.01 -4.26 31.58
CA ARG E 191 4.65 -5.46 31.04
C ARG E 191 5.92 -5.81 31.82
N MET E 192 5.83 -5.67 33.14
CA MET E 192 6.79 -6.13 34.15
C MET E 192 8.23 -5.70 33.91
N SER E 193 8.48 -4.80 32.96
CA SER E 193 9.85 -4.33 32.76
C SER E 193 9.98 -2.85 32.48
N ASN E 194 8.91 -2.13 32.14
CA ASN E 194 9.01 -0.81 31.53
C ASN E 194 8.50 0.27 32.46
N LEU E 195 9.32 1.31 32.66
CA LEU E 195 8.94 2.44 33.50
C LEU E 195 7.95 3.34 32.79
N ALA E 196 7.12 4.02 33.58
CA ALA E 196 6.11 4.92 33.05
C ALA E 196 6.59 6.37 33.09
N SER E 197 5.81 7.24 32.47
CA SER E 197 6.17 8.65 32.38
C SER E 197 5.76 9.39 33.65
N GLY E 198 6.63 10.28 34.10
CA GLY E 198 6.41 11.01 35.34
C GLY E 198 6.80 10.25 36.59
N VAL E 199 7.50 9.13 36.46
CA VAL E 199 7.90 8.31 37.60
C VAL E 199 9.39 8.52 37.81
N PRO E 200 9.87 8.54 39.06
CA PRO E 200 11.31 8.65 39.29
C PRO E 200 12.06 7.45 38.72
N ASP E 201 13.39 7.55 38.74
CA ASP E 201 14.23 6.47 38.24
C ASP E 201 14.48 5.40 39.29
N ARG E 202 14.40 5.75 40.57
CA ARG E 202 14.80 4.84 41.66
C ARG E 202 13.95 3.58 41.72
N PHE E 203 12.77 3.56 41.12
CA PHE E 203 12.00 2.33 41.00
C PHE E 203 12.58 1.45 39.89
N SER E 204 12.51 0.14 40.08
CA SER E 204 12.97 -0.82 39.09
C SER E 204 12.41 -2.18 39.48
N GLY E 205 12.83 -3.22 38.79
CA GLY E 205 12.38 -4.55 39.13
C GLY E 205 12.33 -5.47 37.92
N SER E 206 12.63 -6.74 38.17
CA SER E 206 12.72 -7.71 37.09
C SER E 206 12.34 -9.08 37.62
N GLY E 207 12.53 -10.09 36.79
CA GLY E 207 12.27 -11.45 37.22
C GLY E 207 12.49 -12.42 36.09
N SER E 208 11.97 -13.63 36.30
CA SER E 208 11.95 -14.66 35.28
C SER E 208 10.59 -15.32 35.43
N GLY E 209 10.22 -16.14 34.43
CA GLY E 209 8.91 -16.74 34.42
C GLY E 209 8.47 -17.32 35.75
N THR E 210 7.25 -16.96 36.16
CA THR E 210 6.57 -17.41 37.37
C THR E 210 7.13 -16.82 38.66
N ALA E 211 8.16 -15.98 38.57
CA ALA E 211 8.76 -15.36 39.76
C ALA E 211 9.23 -13.95 39.42
N PHE E 212 8.61 -12.93 40.04
CA PHE E 212 8.93 -11.55 39.72
C PHE E 212 9.18 -10.76 41.00
N THR E 213 10.05 -9.75 40.90
CA THR E 213 10.53 -9.00 42.06
C THR E 213 10.65 -7.53 41.69
N LEU E 214 9.86 -6.70 42.37
CA LEU E 214 9.98 -5.25 42.31
C LEU E 214 11.06 -4.78 43.28
N THR E 215 11.87 -3.80 42.85
CA THR E 215 12.93 -3.24 43.67
C THR E 215 12.79 -1.73 43.77
N ILE E 216 12.99 -1.20 44.96
CA ILE E 216 13.01 0.23 45.20
C ILE E 216 14.38 0.58 45.76
N SER E 217 15.04 1.56 45.14
CA SER E 217 16.38 1.98 45.55
C SER E 217 16.28 3.30 46.31
N ARG E 218 16.90 3.35 47.48
CA ARG E 218 17.02 4.57 48.28
C ARG E 218 15.65 5.16 48.60
N LEU E 219 14.89 4.39 49.38
CA LEU E 219 13.60 4.83 49.90
C LEU E 219 13.72 6.19 50.57
N GLU E 220 13.13 7.23 49.97
CA GLU E 220 13.26 8.59 50.48
C GLU E 220 12.03 9.03 51.27
N ALA E 221 10.87 9.07 50.62
CA ALA E 221 9.65 9.61 51.22
C ALA E 221 8.52 9.44 50.22
N GLU E 222 7.29 9.52 50.71
CA GLU E 222 6.08 9.40 49.89
C GLU E 222 6.07 8.08 49.12
N ASP E 223 6.66 7.04 49.72
CA ASP E 223 6.61 5.69 49.17
C ASP E 223 6.02 4.76 50.21
N VAL E 224 5.10 5.26 51.03
CA VAL E 224 4.35 4.46 51.97
C VAL E 224 2.93 4.28 51.43
N GLY E 225 2.43 3.06 51.51
CA GLY E 225 1.14 2.71 50.93
C GLY E 225 1.04 1.21 50.74
N VAL E 226 0.43 0.77 49.64
CA VAL E 226 0.33 -0.66 49.34
C VAL E 226 0.74 -0.86 47.89
N TYR E 227 1.56 -1.88 47.64
CA TYR E 227 2.04 -2.21 46.31
C TYR E 227 1.28 -3.42 45.78
N TYR E 228 0.96 -3.41 44.49
CA TYR E 228 0.16 -4.46 43.89
C TYR E 228 0.81 -4.96 42.60
N CYS E 229 0.62 -6.25 42.32
CA CYS E 229 1.00 -6.85 41.05
C CYS E 229 -0.21 -7.52 40.42
N MET E 230 -0.38 -7.27 39.12
CA MET E 230 -1.51 -7.72 38.33
C MET E 230 -1.00 -8.51 37.14
N GLN E 231 -1.86 -9.32 36.53
CA GLN E 231 -1.55 -9.90 35.23
C GLN E 231 -2.64 -9.50 34.22
N HIS E 232 -2.27 -9.57 32.95
CA HIS E 232 -3.16 -9.23 31.85
C HIS E 232 -3.14 -10.29 30.75
N LEU E 233 -2.50 -11.45 30.98
CA LEU E 233 -2.21 -12.37 29.88
C LEU E 233 -3.48 -12.90 29.23
N GLU E 234 -4.54 -13.05 30.01
CA GLU E 234 -5.84 -13.41 29.48
C GLU E 234 -6.90 -12.97 30.45
N TYR E 235 -8.09 -12.78 29.96
CA TYR E 235 -9.18 -12.40 30.83
C TYR E 235 -9.71 -13.64 31.54
N PRO E 236 -10.13 -13.53 32.81
CA PRO E 236 -10.19 -12.32 33.64
C PRO E 236 -8.84 -11.80 34.12
N LEU E 237 -8.83 -10.54 34.58
CA LEU E 237 -7.64 -9.89 35.08
C LEU E 237 -7.62 -10.03 36.60
N THR E 238 -6.66 -10.79 37.12
CA THR E 238 -6.66 -11.16 38.52
C THR E 238 -5.59 -10.38 39.29
N PHE E 239 -5.90 -10.06 40.54
CA PHE E 239 -5.04 -9.33 41.44
C PHE E 239 -4.49 -10.25 42.53
N GLY E 240 -3.58 -9.69 43.33
CA GLY E 240 -3.05 -10.38 44.48
C GLY E 240 -3.49 -9.71 45.78
N ALA E 241 -3.02 -10.28 46.89
CA ALA E 241 -3.46 -9.83 48.21
C ALA E 241 -3.02 -8.40 48.54
N GLY E 242 -1.85 -8.00 48.06
CA GLY E 242 -1.34 -6.68 48.36
C GLY E 242 -0.22 -6.75 49.39
N THR E 243 0.60 -5.70 49.40
CA THR E 243 1.76 -5.63 50.28
C THR E 243 1.93 -4.18 50.74
N LYS E 244 1.75 -3.95 52.03
CA LYS E 244 1.84 -2.62 52.60
C LYS E 244 3.19 -2.41 53.28
N LEU E 245 3.60 -1.14 53.34
CA LEU E 245 4.82 -0.73 54.04
C LEU E 245 4.45 0.29 55.10
N GLU E 246 5.22 0.31 56.18
CA GLU E 246 5.01 1.23 57.28
C GLU E 246 6.31 1.96 57.59
N LEU E 247 6.19 3.22 58.00
CA LEU E 247 7.35 4.02 58.37
C LEU E 247 6.96 5.16 59.30
C1 S1P F . -23.18 -39.71 -31.00
O1 S1P F . -23.29 -40.53 -32.08
C2 S1P F . -21.67 -39.25 -30.90
N2 S1P F . -20.79 -40.43 -30.86
C3 S1P F . -21.56 -38.38 -29.60
O3 S1P F . -21.82 -39.15 -28.40
C4 S1P F . -22.38 -37.09 -29.71
C5 S1P F . -22.71 -36.61 -30.94
C6 S1P F . -23.50 -35.36 -31.09
C7 S1P F . -22.78 -34.07 -30.44
C8 S1P F . -23.80 -32.89 -30.07
C9 S1P F . -24.15 -32.79 -28.54
C10 S1P F . -25.19 -31.63 -28.18
C11 S1P F . -24.54 -30.28 -27.62
C12 S1P F . -25.29 -28.97 -28.03
C13 S1P F . -26.45 -28.53 -27.00
C14 S1P F . -26.10 -28.60 -25.53
C15 S1P F . -27.15 -29.27 -24.69
C16 S1P F . -26.66 -30.47 -23.91
C17 S1P F . -27.29 -30.64 -22.56
C18 S1P F . -26.45 -31.45 -21.60
P22 S1P F . -24.87 -40.81 -32.92
O23 S1P F . -25.22 -42.19 -32.44
O24 S1P F . -24.55 -40.54 -34.35
O25 S1P F . -25.62 -39.69 -32.16
#